data_3KEH
#
_entry.id   3KEH
#
_cell.length_a   107.830
_cell.length_b   285.920
_cell.length_c   92.000
_cell.angle_alpha   90.00
_cell.angle_beta   90.00
_cell.angle_gamma   90.00
#
_symmetry.space_group_name_H-M   'C 2 2 21'
#
loop_
_entity.id
_entity.type
_entity.pdbx_description
1 polymer Glucocerebrosidase
2 branched 2-acetamido-2-deoxy-beta-D-glucopyranose-(1-4)-2-acetamido-2-deoxy-beta-D-glucopyranose
3 non-polymer 2-acetamido-2-deoxy-alpha-D-glucopyranose
4 non-polymer 'SULFATE ION'
5 non-polymer GLYCEROL
6 non-polymer 2-acetamido-2-deoxy-beta-D-glucopyranose
7 water water
#
_entity_poly.entity_id   1
_entity_poly.type   'polypeptide(L)'
_entity_poly.pdbx_seq_one_letter_code
;ARPCIPKSFGYSSVVCVCNATYCDSFDPPTFPALGTFSRYESTRSGRRMELSMGPIQANHTGTGLLLTLQPEQKFQKVKG
FGGAMTDAAALNILALSPPAQNLLLKSYFSEEGIGYNIIRVPMASCDFSIRTYTYADTPDDFQLHNFSLPEEDTKLKIPL
IHRALQLAQRPVSLLASPWTSPTWLKTNGAVNGKGSLKGQPGDIYHQTWARYFVKFLDAYAEHKLQFWAVTAENEPSAGL
LSGYPFQCLGFTPEHQRDFIARDLGPTLANSTHHNVRLLMLDDQRLLLPHWAKVVLTDPEAAKYVHGIAVHWYLDFLAPA
KATLGETHRLFPNTMLFASEACVGSKFWEQSVRLGSWDRGMQYSHSIITSLLYHVVGWTDWNLALNPEGGPNWVRNFVDS
PIIVDITKDTFYKQPMFYHLGHFSKFIPEGSQRVGLVASQKNDLDAVALMHPDGSAVVVVLNRSSKDVPLTIKDPAVGFL
ETISPGYSIHTYLWRRQ
;
_entity_poly.pdbx_strand_id   A,B
#
# COMPACT_ATOMS: atom_id res chain seq x y z
N ALA A 1 5.66 1.94 -7.44
CA ALA A 1 5.66 3.43 -7.27
C ALA A 1 5.36 4.16 -8.60
N ARG A 2 6.32 4.21 -9.51
CA ARG A 2 6.17 5.08 -10.68
C ARG A 2 6.10 4.26 -11.97
N PRO A 3 5.12 4.55 -12.86
CA PRO A 3 4.91 3.68 -14.03
C PRO A 3 5.87 3.95 -15.19
N CYS A 4 5.69 3.24 -16.29
CA CYS A 4 6.53 3.46 -17.47
C CYS A 4 6.10 4.71 -18.23
N ILE A 5 7.08 5.55 -18.59
CA ILE A 5 6.88 6.63 -19.56
C ILE A 5 7.21 6.09 -20.94
N PRO A 6 6.20 5.79 -21.76
CA PRO A 6 6.56 5.14 -23.02
C PRO A 6 7.07 6.09 -24.07
N LYS A 7 7.87 5.55 -25.01
CA LYS A 7 8.22 6.24 -26.25
C LYS A 7 8.43 5.27 -27.42
N SER A 8 7.58 5.41 -28.45
CA SER A 8 7.72 4.73 -29.73
C SER A 8 8.87 5.28 -30.54
N PHE A 9 9.54 4.41 -31.30
CA PHE A 9 10.54 4.77 -32.29
C PHE A 9 10.30 4.07 -33.64
N GLY A 10 9.04 3.74 -33.93
CA GLY A 10 8.74 3.07 -35.18
C GLY A 10 8.93 1.57 -35.12
N TYR A 11 9.01 1.01 -33.91
CA TYR A 11 9.06 -0.45 -33.75
C TYR A 11 7.79 -1.06 -33.17
N SER A 12 7.73 -2.39 -33.09
CA SER A 12 6.48 -3.06 -32.75
C SER A 12 6.08 -2.85 -31.30
N SER A 13 6.94 -2.20 -30.53
CA SER A 13 6.62 -1.78 -29.19
C SER A 13 7.43 -0.56 -28.81
N VAL A 14 7.47 -0.24 -27.52
CA VAL A 14 8.06 1.00 -27.05
C VAL A 14 9.13 0.72 -26.04
N VAL A 15 9.98 1.69 -25.80
CA VAL A 15 10.85 1.68 -24.63
C VAL A 15 10.26 2.55 -23.52
N CYS A 16 10.94 2.57 -22.36
CA CYS A 16 10.56 3.39 -21.22
C CYS A 16 11.63 4.40 -20.93
N VAL A 17 11.18 5.64 -20.77
CA VAL A 17 12.07 6.77 -20.68
C VAL A 17 12.35 7.19 -19.26
N CYS A 18 13.62 7.21 -18.90
CA CYS A 18 14.02 7.74 -17.63
C CYS A 18 15.07 8.81 -17.84
N ASN A 19 14.87 9.96 -17.21
CA ASN A 19 15.91 10.97 -17.07
C ASN A 19 16.37 11.08 -15.63
N ALA A 20 16.94 12.23 -15.26
CA ALA A 20 17.61 12.35 -13.97
C ALA A 20 16.75 12.51 -12.72
N THR A 21 15.42 12.58 -12.89
CA THR A 21 14.50 12.78 -11.77
C THR A 21 13.29 11.83 -11.71
N TYR A 22 13.09 11.04 -12.77
CA TYR A 22 12.02 10.03 -12.89
C TYR A 22 12.56 8.75 -13.50
N CYS A 23 12.30 7.60 -12.88
CA CYS A 23 12.42 6.31 -13.59
C CYS A 23 11.36 5.33 -13.11
N ASP A 24 10.94 4.41 -13.98
CA ASP A 24 9.91 3.48 -13.55
C ASP A 24 10.51 2.53 -12.56
N SER A 25 9.76 2.25 -11.48
CA SER A 25 10.25 1.42 -10.39
C SER A 25 9.17 0.60 -9.73
N PHE A 26 9.60 -0.20 -8.76
CA PHE A 26 8.75 -1.14 -8.08
C PHE A 26 8.66 -0.77 -6.60
N ASP A 27 7.55 -1.17 -5.97
CA ASP A 27 7.39 -1.08 -4.51
C ASP A 27 8.04 -2.29 -3.84
N PRO A 28 8.41 -2.18 -2.54
CA PRO A 28 8.84 -3.37 -1.80
C PRO A 28 7.83 -4.47 -2.05
N PRO A 29 8.30 -5.68 -2.42
CA PRO A 29 7.36 -6.71 -2.86
C PRO A 29 6.49 -7.24 -1.72
N THR A 30 5.29 -7.66 -2.09
CA THR A 30 4.28 -8.09 -1.17
C THR A 30 4.10 -9.57 -1.37
N PHE A 31 3.54 -10.22 -0.36
CA PHE A 31 3.31 -11.65 -0.43
C PHE A 31 1.87 -11.98 -0.07
N PRO A 32 0.99 -12.05 -1.08
CA PRO A 32 -0.42 -12.32 -0.87
C PRO A 32 -0.70 -13.70 -0.26
N ALA A 33 -1.60 -13.70 0.71
CA ALA A 33 -2.19 -14.88 1.35
C ALA A 33 -2.38 -16.15 0.52
N LEU A 34 -1.95 -17.29 1.08
CA LEU A 34 -2.21 -18.58 0.48
C LEU A 34 -3.61 -18.63 -0.08
N GLY A 35 -3.73 -18.88 -1.38
CA GLY A 35 -4.99 -18.75 -2.10
C GLY A 35 -4.94 -17.62 -3.11
N THR A 36 -3.95 -16.74 -2.94
CA THR A 36 -3.82 -15.54 -3.79
C THR A 36 -2.51 -15.53 -4.57
N PHE A 37 -2.63 -15.35 -5.89
CA PHE A 37 -1.46 -15.32 -6.73
C PHE A 37 -1.12 -13.89 -7.12
N SER A 38 0.16 -13.62 -7.40
CA SER A 38 0.53 -12.39 -8.06
C SER A 38 0.89 -12.67 -9.51
N ARG A 39 0.54 -11.73 -10.39
CA ARG A 39 0.92 -11.78 -11.79
C ARG A 39 1.69 -10.53 -12.14
N TYR A 40 2.78 -10.69 -12.89
CA TYR A 40 3.41 -9.55 -13.55
C TYR A 40 3.24 -9.69 -15.07
N GLU A 41 2.75 -8.64 -15.71
CA GLU A 41 2.47 -8.72 -17.14
C GLU A 41 3.37 -7.70 -17.80
N SER A 42 3.90 -8.06 -18.97
CA SER A 42 4.37 -7.06 -19.91
C SER A 42 3.81 -7.48 -21.24
N THR A 43 3.31 -6.53 -22.03
CA THR A 43 2.79 -6.87 -23.37
C THR A 43 3.48 -6.05 -24.41
N ARG A 44 3.46 -6.54 -25.65
CA ARG A 44 3.96 -5.78 -26.78
C ARG A 44 3.19 -4.49 -26.86
N SER A 45 1.86 -4.59 -26.76
CA SER A 45 0.98 -3.42 -26.82
C SER A 45 1.32 -2.31 -25.82
N GLY A 46 2.16 -2.59 -24.83
CA GLY A 46 2.64 -1.49 -23.98
C GLY A 46 2.77 -1.70 -22.50
N ARG A 47 2.07 -2.69 -21.96
CA ARG A 47 2.16 -2.97 -20.53
C ARG A 47 3.57 -3.44 -20.16
N ARG A 48 4.03 -3.01 -18.97
CA ARG A 48 5.41 -3.25 -18.52
C ARG A 48 5.54 -3.65 -17.05
N MET A 49 5.53 -4.95 -16.82
CA MET A 49 5.63 -5.56 -15.48
C MET A 49 4.66 -4.96 -14.48
N GLU A 50 3.37 -5.12 -14.78
CA GLU A 50 2.27 -4.54 -14.03
C GLU A 50 1.70 -5.59 -13.13
N LEU A 51 1.67 -5.31 -11.82
CA LEU A 51 1.18 -6.27 -10.82
C LEU A 51 -0.34 -6.34 -10.75
N SER A 52 -0.92 -7.55 -10.82
CA SER A 52 -2.36 -7.75 -10.62
C SER A 52 -2.46 -9.02 -9.83
N MET A 53 -3.63 -9.33 -9.27
CA MET A 53 -3.79 -10.53 -8.44
C MET A 53 -5.12 -11.20 -8.63
N GLY A 54 -5.21 -12.43 -8.15
CA GLY A 54 -6.46 -13.17 -8.20
C GLY A 54 -6.51 -14.41 -7.33
N PRO A 55 -7.55 -15.23 -7.55
CA PRO A 55 -7.76 -16.39 -6.66
C PRO A 55 -7.09 -17.69 -7.15
N ILE A 56 -6.71 -18.57 -6.23
CA ILE A 56 -6.38 -19.95 -6.59
C ILE A 56 -7.52 -20.80 -6.06
N GLN A 57 -8.58 -20.87 -6.84
CA GLN A 57 -9.81 -21.52 -6.43
C GLN A 57 -9.58 -23.01 -6.55
N ALA A 58 -10.22 -23.79 -5.68
CA ALA A 58 -10.14 -25.25 -5.77
C ALA A 58 -11.08 -25.92 -6.82
N ASN A 59 -12.00 -25.16 -7.42
CA ASN A 59 -12.78 -25.68 -8.55
C ASN A 59 -11.95 -25.48 -9.83
N HIS A 60 -12.42 -26.04 -10.95
CA HIS A 60 -11.68 -25.97 -12.21
C HIS A 60 -12.59 -25.63 -13.40
N THR A 61 -12.87 -24.33 -13.58
CA THR A 61 -13.74 -23.89 -14.71
C THR A 61 -13.02 -23.74 -16.08
N GLY A 62 -11.76 -24.13 -16.16
CA GLY A 62 -10.95 -23.88 -17.34
C GLY A 62 -10.76 -25.13 -18.17
N THR A 63 -11.09 -25.06 -19.46
CA THR A 63 -11.13 -26.28 -20.25
C THR A 63 -10.17 -26.26 -21.41
N GLY A 64 -9.09 -25.48 -21.27
CA GLY A 64 -8.01 -25.49 -22.26
C GLY A 64 -6.81 -26.26 -21.76
N LEU A 65 -5.64 -25.71 -22.06
CA LEU A 65 -4.36 -26.21 -21.55
C LEU A 65 -4.15 -26.07 -20.03
N LEU A 66 -3.58 -27.13 -19.46
CA LEU A 66 -3.23 -27.17 -18.05
C LEU A 66 -1.73 -27.27 -17.80
N LEU A 67 -1.21 -26.46 -16.89
CA LEU A 67 0.20 -26.59 -16.50
C LEU A 67 0.23 -27.05 -15.06
N THR A 68 0.62 -28.29 -14.84
CA THR A 68 0.59 -28.82 -13.50
C THR A 68 1.95 -28.76 -12.82
N LEU A 69 1.99 -28.08 -11.69
CA LEU A 69 3.20 -27.96 -10.94
C LEU A 69 3.51 -29.29 -10.33
N GLN A 70 4.75 -29.70 -10.42
CA GLN A 70 5.15 -30.99 -9.90
C GLN A 70 6.36 -30.80 -8.96
N PRO A 71 6.13 -30.15 -7.79
CA PRO A 71 7.22 -29.73 -6.89
C PRO A 71 8.16 -30.86 -6.45
N GLU A 72 7.70 -32.11 -6.39
CA GLU A 72 8.63 -33.21 -6.07
C GLU A 72 9.62 -33.53 -7.21
N GLN A 73 9.36 -33.10 -8.44
CA GLN A 73 10.32 -33.28 -9.51
C GLN A 73 11.31 -32.12 -9.45
N LYS A 74 12.49 -32.38 -8.90
CA LYS A 74 13.51 -31.35 -8.64
C LYS A 74 14.72 -31.34 -9.60
N PHE A 75 15.12 -30.17 -10.09
CA PHE A 75 16.20 -30.08 -11.05
C PHE A 75 17.36 -29.20 -10.52
N GLN A 76 18.06 -28.47 -11.38
CA GLN A 76 19.20 -27.64 -10.96
C GLN A 76 18.82 -26.50 -10.02
N LYS A 77 19.80 -25.98 -9.29
CA LYS A 77 19.63 -24.79 -8.41
C LYS A 77 20.27 -23.57 -9.02
N VAL A 78 19.66 -22.41 -8.85
CA VAL A 78 20.04 -21.22 -9.59
C VAL A 78 21.12 -20.36 -8.97
N LYS A 79 22.16 -20.07 -9.74
CA LYS A 79 23.14 -19.09 -9.34
C LYS A 79 22.61 -17.64 -9.36
N GLY A 80 22.01 -17.26 -10.48
CA GLY A 80 21.37 -15.94 -10.59
C GLY A 80 21.56 -15.32 -11.96
N PHE A 81 21.21 -14.04 -12.05
CA PHE A 81 21.14 -13.31 -13.31
C PHE A 81 21.84 -11.99 -13.21
N GLY A 82 22.53 -11.62 -14.28
CA GLY A 82 23.18 -10.32 -14.36
C GLY A 82 23.60 -9.94 -15.76
N GLY A 83 24.70 -9.20 -15.87
CA GLY A 83 25.20 -8.72 -17.16
C GLY A 83 26.58 -8.12 -16.98
N ALA A 84 27.24 -7.75 -18.09
CA ALA A 84 28.65 -7.25 -18.08
C ALA A 84 28.90 -5.73 -18.04
N MET A 85 29.83 -5.40 -17.15
CA MET A 85 30.28 -4.04 -16.89
C MET A 85 31.47 -3.75 -17.83
N THR A 86 31.19 -3.68 -19.14
CA THR A 86 32.23 -3.39 -20.16
C THR A 86 32.61 -1.92 -20.14
N ASP A 87 33.78 -1.60 -20.68
CA ASP A 87 34.20 -0.20 -20.84
C ASP A 87 33.07 0.61 -21.44
N ALA A 88 32.53 0.13 -22.56
CA ALA A 88 31.34 0.71 -23.16
C ALA A 88 30.30 1.07 -22.08
N ALA A 89 29.87 0.07 -21.33
CA ALA A 89 28.80 0.25 -20.38
C ALA A 89 29.19 1.32 -19.37
N ALA A 90 30.35 1.17 -18.75
CA ALA A 90 30.82 2.16 -17.79
C ALA A 90 30.81 3.56 -18.40
N LEU A 91 31.45 3.76 -19.56
CA LEU A 91 31.37 5.05 -20.30
C LEU A 91 29.94 5.53 -20.54
N ASN A 92 29.12 4.79 -21.29
CA ASN A 92 27.75 5.26 -21.52
C ASN A 92 27.06 5.65 -20.19
N ILE A 93 27.38 4.97 -19.11
CA ILE A 93 26.66 5.24 -17.86
C ILE A 93 27.09 6.53 -17.25
N LEU A 94 28.38 6.77 -17.25
CA LEU A 94 28.89 7.99 -16.62
C LEU A 94 28.70 9.24 -17.48
N ALA A 95 28.36 9.07 -18.75
CA ALA A 95 27.82 10.22 -19.47
C ALA A 95 26.76 10.87 -18.57
N LEU A 96 25.76 10.09 -18.12
CA LEU A 96 24.62 10.57 -17.30
C LEU A 96 25.06 11.35 -16.08
N SER A 97 24.22 12.32 -15.70
CA SER A 97 24.36 13.02 -14.43
C SER A 97 24.14 12.05 -13.27
N PRO A 98 24.86 12.26 -12.13
CA PRO A 98 24.81 11.37 -10.97
C PRO A 98 23.42 10.91 -10.53
N PRO A 99 22.43 11.82 -10.46
CA PRO A 99 21.09 11.30 -10.15
C PRO A 99 20.56 10.33 -11.21
N ALA A 100 20.84 10.57 -12.49
CA ALA A 100 20.43 9.63 -13.54
C ALA A 100 21.18 8.30 -13.38
N GLN A 101 22.47 8.38 -13.05
CA GLN A 101 23.32 7.21 -12.81
C GLN A 101 22.73 6.27 -11.78
N ASN A 102 22.07 6.84 -10.77
CA ASN A 102 21.55 6.07 -9.67
C ASN A 102 20.24 5.51 -10.01
N LEU A 103 19.41 6.28 -10.68
CA LEU A 103 18.18 5.71 -11.15
C LEU A 103 18.52 4.54 -12.08
N LEU A 104 19.66 4.61 -12.79
CA LEU A 104 20.04 3.54 -13.73
C LEU A 104 20.49 2.29 -12.98
N LEU A 105 21.42 2.44 -12.06
CA LEU A 105 21.91 1.28 -11.31
C LEU A 105 20.75 0.62 -10.59
N LYS A 106 20.03 1.41 -9.79
CA LYS A 106 18.83 0.93 -9.11
C LYS A 106 17.98 0.10 -10.05
N SER A 107 17.76 0.60 -11.27
CA SER A 107 16.98 -0.14 -12.24
C SER A 107 17.49 -1.56 -12.37
N TYR A 108 18.80 -1.74 -12.46
CA TYR A 108 19.40 -3.08 -12.64
C TYR A 108 19.48 -3.90 -11.32
N PHE A 109 19.95 -3.26 -10.26
CA PHE A 109 20.33 -3.96 -9.03
C PHE A 109 19.40 -3.92 -7.82
N SER A 110 18.63 -2.84 -7.70
CA SER A 110 17.80 -2.57 -6.53
C SER A 110 16.51 -3.41 -6.49
N GLU A 111 15.86 -3.39 -5.33
CA GLU A 111 14.58 -4.02 -5.15
C GLU A 111 13.49 -3.23 -5.83
N GLU A 112 13.71 -1.91 -5.93
CA GLU A 112 12.91 -1.04 -6.83
C GLU A 112 13.16 -1.39 -8.28
N GLY A 113 14.16 -2.24 -8.52
CA GLY A 113 14.56 -2.67 -9.85
C GLY A 113 14.28 -4.14 -10.06
N ILE A 114 15.18 -4.82 -10.76
CA ILE A 114 14.95 -6.19 -11.21
C ILE A 114 15.99 -7.16 -10.64
N GLY A 115 16.86 -6.66 -9.78
CA GLY A 115 17.59 -7.51 -8.84
C GLY A 115 18.79 -8.30 -9.32
N TYR A 116 19.47 -7.77 -10.33
CA TYR A 116 20.70 -8.40 -10.79
C TYR A 116 21.54 -8.77 -9.58
N ASN A 117 22.11 -9.97 -9.62
CA ASN A 117 23.08 -10.43 -8.63
C ASN A 117 24.34 -10.95 -9.30
N ILE A 118 24.55 -10.63 -10.57
CA ILE A 118 25.81 -10.97 -11.25
C ILE A 118 26.35 -9.82 -12.10
N ILE A 119 27.67 -9.62 -12.08
CA ILE A 119 28.32 -8.70 -12.99
C ILE A 119 29.54 -9.36 -13.61
N ARG A 120 29.52 -9.57 -14.94
CA ARG A 120 30.68 -10.13 -15.63
C ARG A 120 31.65 -8.99 -15.85
N VAL A 121 32.92 -9.24 -15.59
CA VAL A 121 33.93 -8.19 -15.63
C VAL A 121 35.05 -8.59 -16.59
N PRO A 122 35.15 -7.88 -17.75
CA PRO A 122 36.20 -8.19 -18.70
C PRO A 122 37.48 -7.80 -18.07
N MET A 123 38.50 -8.61 -18.33
CA MET A 123 39.87 -8.37 -17.86
C MET A 123 40.66 -7.63 -18.94
N ALA A 124 40.53 -6.31 -18.92
CA ALA A 124 41.19 -5.40 -19.83
C ALA A 124 40.37 -5.24 -21.11
N SER A 125 40.94 -4.62 -22.12
CA SER A 125 40.21 -4.27 -23.32
C SER A 125 39.38 -5.44 -23.91
N CYS A 126 38.24 -5.11 -24.52
CA CYS A 126 37.57 -6.04 -25.44
C CYS A 126 37.01 -5.26 -26.62
N ASP A 127 36.17 -5.87 -27.45
CA ASP A 127 35.71 -5.07 -28.57
C ASP A 127 34.96 -3.82 -28.05
N PHE A 128 34.36 -3.96 -26.86
CA PHE A 128 33.60 -2.88 -26.22
C PHE A 128 34.43 -2.03 -25.27
N SER A 129 35.54 -1.52 -25.82
CA SER A 129 36.46 -0.58 -25.18
C SER A 129 36.84 0.48 -26.22
N ILE A 130 37.46 1.56 -25.76
CA ILE A 130 37.82 2.65 -26.66
C ILE A 130 39.28 2.59 -27.07
N ARG A 131 39.96 1.53 -26.62
CA ARG A 131 41.38 1.35 -26.91
C ARG A 131 41.85 -0.05 -26.57
N THR A 132 42.94 -0.45 -27.22
CA THR A 132 43.42 -1.79 -27.05
C THR A 132 44.55 -1.75 -26.06
N TYR A 133 44.25 -2.17 -24.84
CA TYR A 133 45.22 -2.30 -23.75
C TYR A 133 45.11 -3.67 -23.03
N THR A 134 46.20 -4.09 -22.38
CA THR A 134 46.19 -5.17 -21.36
C THR A 134 46.78 -4.65 -20.04
N TYR A 135 46.87 -5.50 -19.03
CA TYR A 135 47.37 -4.99 -17.72
C TYR A 135 48.89 -5.09 -17.57
N ALA A 136 49.58 -5.50 -18.61
CA ALA A 136 51.03 -5.49 -18.62
C ALA A 136 51.51 -5.51 -20.08
N ASP A 137 51.53 -4.32 -20.68
CA ASP A 137 51.84 -4.15 -22.11
C ASP A 137 53.32 -3.86 -22.40
N THR A 138 54.03 -3.53 -21.33
CA THR A 138 55.48 -3.52 -21.28
C THR A 138 56.04 -4.90 -21.65
N PRO A 139 56.99 -4.95 -22.63
CA PRO A 139 57.44 -6.22 -23.19
C PRO A 139 58.39 -7.00 -22.26
N ASP A 140 58.46 -8.31 -22.52
CA ASP A 140 59.38 -9.24 -21.85
C ASP A 140 59.43 -8.99 -20.35
N ASP A 141 58.26 -8.65 -19.81
CA ASP A 141 58.03 -8.45 -18.36
C ASP A 141 57.44 -9.76 -17.83
N PHE A 142 58.30 -10.76 -17.66
CA PHE A 142 57.85 -12.12 -17.40
C PHE A 142 57.45 -12.46 -15.97
N GLN A 143 57.93 -11.68 -14.99
CA GLN A 143 57.54 -11.88 -13.58
C GLN A 143 56.49 -10.85 -13.14
N LEU A 144 56.03 -10.05 -14.10
CA LEU A 144 54.93 -9.11 -13.91
C LEU A 144 55.09 -8.04 -12.84
N HIS A 145 55.99 -7.10 -13.12
CA HIS A 145 56.13 -5.96 -12.26
C HIS A 145 55.41 -4.69 -12.75
N ASN A 146 55.32 -4.51 -14.07
CA ASN A 146 54.56 -3.38 -14.62
C ASN A 146 53.04 -3.67 -14.75
N PHE A 147 52.62 -4.77 -14.14
CA PHE A 147 51.21 -5.11 -14.01
C PHE A 147 50.51 -3.98 -13.27
N SER A 148 49.61 -3.30 -13.98
CA SER A 148 48.93 -2.14 -13.42
C SER A 148 47.46 -2.20 -13.77
N LEU A 149 46.68 -1.33 -13.15
CA LEU A 149 45.29 -1.12 -13.53
C LEU A 149 45.07 0.28 -14.14
N PRO A 150 44.50 0.36 -15.37
CA PRO A 150 44.33 1.67 -15.99
C PRO A 150 43.20 2.50 -15.39
N GLU A 151 43.22 3.80 -15.70
CA GLU A 151 42.08 4.68 -15.49
C GLU A 151 40.79 3.89 -15.66
N GLU A 152 40.73 3.07 -16.71
CA GLU A 152 39.52 2.33 -17.07
C GLU A 152 38.94 1.52 -15.94
N ASP A 153 39.80 0.73 -15.29
CA ASP A 153 39.41 -0.08 -14.12
C ASP A 153 39.26 0.79 -12.85
N THR A 154 40.28 1.63 -12.57
CA THR A 154 40.34 2.50 -11.38
C THR A 154 39.29 3.58 -11.29
N LYS A 155 38.91 4.18 -12.42
CA LYS A 155 37.88 5.21 -12.38
C LYS A 155 36.54 4.74 -12.94
N LEU A 156 36.50 3.76 -13.83
CA LEU A 156 35.22 3.45 -14.47
C LEU A 156 34.55 2.21 -13.98
N LYS A 157 35.19 1.05 -14.16
CA LYS A 157 34.55 -0.23 -13.82
C LYS A 157 34.30 -0.31 -12.31
N ILE A 158 35.36 -0.10 -11.54
CA ILE A 158 35.37 -0.36 -10.10
C ILE A 158 34.46 0.50 -9.19
N PRO A 159 34.54 1.85 -9.30
CA PRO A 159 33.61 2.60 -8.44
C PRO A 159 32.14 2.35 -8.76
N LEU A 160 31.81 2.04 -10.03
CA LEU A 160 30.41 1.68 -10.40
C LEU A 160 30.04 0.34 -9.81
N ILE A 161 30.95 -0.61 -9.90
CA ILE A 161 30.74 -1.90 -9.25
C ILE A 161 30.50 -1.73 -7.74
N HIS A 162 31.25 -0.87 -7.06
CA HIS A 162 30.95 -0.57 -5.66
C HIS A 162 29.53 -0.04 -5.49
N ARG A 163 29.17 0.99 -6.23
CA ARG A 163 27.86 1.61 -6.08
C ARG A 163 26.74 0.58 -6.34
N ALA A 164 26.95 -0.29 -7.33
CA ALA A 164 26.02 -1.35 -7.69
C ALA A 164 25.75 -2.28 -6.52
N LEU A 165 26.81 -2.59 -5.76
CA LEU A 165 26.72 -3.52 -4.61
C LEU A 165 26.12 -2.87 -3.39
N GLN A 166 26.23 -1.55 -3.27
CA GLN A 166 25.54 -0.86 -2.19
C GLN A 166 24.04 -1.00 -2.38
N LEU A 167 23.57 -0.73 -3.61
CA LEU A 167 22.15 -0.63 -3.85
C LEU A 167 21.44 -1.98 -3.84
N ALA A 168 22.22 -3.04 -4.03
CA ALA A 168 21.71 -4.37 -4.31
C ALA A 168 20.78 -4.97 -3.25
N GLN A 169 19.67 -5.56 -3.71
CA GLN A 169 18.72 -6.37 -2.92
C GLN A 169 19.46 -7.47 -2.09
N ARG A 170 20.34 -8.21 -2.79
CA ARG A 170 20.79 -9.55 -2.47
C ARG A 170 22.31 -9.51 -2.65
N PRO A 171 23.04 -10.56 -2.25
CA PRO A 171 24.48 -10.52 -2.51
C PRO A 171 24.81 -10.79 -3.97
N VAL A 172 25.77 -10.03 -4.50
CA VAL A 172 26.11 -10.06 -5.92
C VAL A 172 27.40 -10.82 -6.12
N SER A 173 27.48 -11.58 -7.19
CA SER A 173 28.69 -12.32 -7.49
C SER A 173 29.35 -11.74 -8.75
N LEU A 174 30.67 -11.90 -8.82
CA LEU A 174 31.49 -11.29 -9.83
C LEU A 174 32.22 -12.33 -10.68
N LEU A 175 32.17 -12.16 -11.99
CA LEU A 175 32.75 -13.12 -12.93
C LEU A 175 33.76 -12.40 -13.80
N ALA A 176 34.96 -12.94 -13.94
CA ALA A 176 35.96 -12.33 -14.86
C ALA A 176 36.22 -13.11 -16.18
N SER A 177 36.52 -12.40 -17.27
CA SER A 177 36.80 -13.10 -18.51
C SER A 177 37.84 -12.33 -19.32
N PRO A 178 39.03 -12.93 -19.55
CA PRO A 178 40.01 -12.27 -20.40
C PRO A 178 39.69 -12.39 -21.90
N TRP A 179 40.00 -11.33 -22.65
CA TRP A 179 39.85 -11.35 -24.11
C TRP A 179 41.17 -11.66 -24.77
N THR A 180 42.21 -10.93 -24.46
CA THR A 180 43.53 -11.24 -25.01
C THR A 180 44.61 -11.07 -23.96
N SER A 181 45.68 -11.85 -24.08
CA SER A 181 46.88 -11.63 -23.30
C SER A 181 47.65 -10.40 -23.83
N PRO A 182 48.68 -9.95 -23.08
CA PRO A 182 49.75 -9.08 -23.58
C PRO A 182 50.31 -9.65 -24.88
N THR A 183 50.57 -8.81 -25.88
CA THR A 183 50.82 -9.40 -27.21
C THR A 183 52.18 -10.12 -27.32
N TRP A 184 52.99 -10.01 -26.28
CA TRP A 184 54.29 -10.68 -26.29
C TRP A 184 54.28 -12.06 -25.63
N LEU A 185 53.13 -12.70 -25.66
CA LEU A 185 53.01 -14.10 -25.32
C LEU A 185 52.19 -14.77 -26.42
N LYS A 186 51.88 -14.02 -27.48
CA LYS A 186 51.06 -14.54 -28.56
C LYS A 186 51.94 -15.06 -29.72
N THR A 187 51.58 -16.22 -30.27
CA THR A 187 52.21 -16.68 -31.50
C THR A 187 52.22 -15.60 -32.61
N ASN A 188 51.29 -14.64 -32.58
CA ASN A 188 51.17 -13.68 -33.66
C ASN A 188 51.64 -12.28 -33.27
N GLY A 189 51.91 -12.09 -31.98
CA GLY A 189 52.38 -10.80 -31.48
C GLY A 189 51.39 -9.67 -31.69
N ALA A 190 50.08 -9.96 -31.77
CA ALA A 190 49.04 -8.98 -32.12
C ALA A 190 47.76 -9.26 -31.35
N VAL A 191 47.04 -8.22 -30.93
CA VAL A 191 45.87 -8.42 -30.06
C VAL A 191 44.75 -9.22 -30.69
N ASN A 192 44.75 -9.37 -32.01
CA ASN A 192 43.70 -10.13 -32.71
C ASN A 192 44.19 -11.12 -33.75
N GLY A 193 43.28 -11.71 -34.50
CA GLY A 193 43.64 -12.69 -35.53
C GLY A 193 44.17 -14.02 -35.01
N LYS A 194 44.33 -15.00 -35.93
CA LYS A 194 44.81 -16.39 -35.64
C LYS A 194 46.13 -16.29 -34.90
N GLY A 195 46.06 -16.39 -33.60
CA GLY A 195 47.25 -16.22 -32.80
C GLY A 195 46.95 -16.69 -31.38
N SER A 196 47.51 -17.84 -31.04
CA SER A 196 47.39 -18.40 -29.69
C SER A 196 48.55 -17.98 -28.77
N LEU A 197 48.67 -18.64 -27.63
CA LEU A 197 49.78 -18.40 -26.69
C LEU A 197 51.09 -19.06 -27.15
N LYS A 198 52.23 -18.59 -26.65
CA LYS A 198 53.52 -19.09 -27.12
C LYS A 198 53.95 -20.42 -26.49
N GLY A 199 54.64 -21.25 -27.27
CA GLY A 199 55.11 -22.55 -26.78
C GLY A 199 54.00 -23.52 -26.42
N GLN A 200 54.25 -24.30 -25.37
CA GLN A 200 53.29 -25.32 -24.93
C GLN A 200 53.04 -25.24 -23.44
N PRO A 201 51.89 -25.80 -23.00
CA PRO A 201 51.48 -25.71 -21.61
C PRO A 201 52.57 -26.25 -20.71
N GLY A 202 52.84 -25.54 -19.63
CA GLY A 202 53.98 -25.88 -18.78
C GLY A 202 55.11 -24.88 -18.92
N ASP A 203 55.32 -24.34 -20.12
CA ASP A 203 56.49 -23.49 -20.33
C ASP A 203 56.31 -22.15 -19.64
N ILE A 204 57.24 -21.23 -19.83
CA ILE A 204 57.18 -19.95 -19.12
C ILE A 204 56.11 -18.97 -19.66
N TYR A 205 55.89 -18.97 -20.97
CA TYR A 205 54.80 -18.18 -21.50
C TYR A 205 53.51 -18.62 -20.83
N HIS A 206 53.27 -19.94 -20.86
CA HIS A 206 52.07 -20.51 -20.27
C HIS A 206 51.94 -20.24 -18.77
N GLN A 207 53.06 -20.25 -18.04
CA GLN A 207 53.05 -19.97 -16.59
C GLN A 207 52.78 -18.52 -16.20
N THR A 208 53.03 -17.59 -17.12
CA THR A 208 52.87 -16.17 -16.87
C THR A 208 51.43 -15.77 -17.13
N TRP A 209 50.84 -16.39 -18.16
CA TRP A 209 49.46 -16.11 -18.44
C TRP A 209 48.61 -16.55 -17.27
N ALA A 210 49.17 -17.37 -16.39
CA ALA A 210 48.41 -17.88 -15.28
C ALA A 210 48.60 -16.95 -14.12
N ARG A 211 49.78 -16.37 -14.02
CA ARG A 211 50.08 -15.46 -12.93
C ARG A 211 49.34 -14.11 -13.07
N TYR A 212 49.10 -13.70 -14.33
CA TYR A 212 48.28 -12.54 -14.68
C TYR A 212 46.88 -12.75 -14.13
N PHE A 213 46.33 -13.96 -14.31
CA PHE A 213 45.04 -14.30 -13.72
C PHE A 213 45.07 -14.03 -12.23
N VAL A 214 46.15 -14.46 -11.55
CA VAL A 214 46.28 -14.20 -10.09
C VAL A 214 46.46 -12.72 -9.77
N LYS A 215 47.32 -12.06 -10.53
CA LYS A 215 47.53 -10.63 -10.36
C LYS A 215 46.22 -9.84 -10.48
N PHE A 216 45.44 -10.07 -11.55
CA PHE A 216 44.16 -9.38 -11.74
C PHE A 216 43.38 -9.53 -10.46
N LEU A 217 43.47 -10.71 -9.87
CA LEU A 217 42.72 -11.00 -8.67
C LEU A 217 43.23 -10.18 -7.48
N ASP A 218 44.51 -10.27 -7.15
CA ASP A 218 45.06 -9.39 -6.11
C ASP A 218 44.70 -7.94 -6.37
N ALA A 219 44.83 -7.49 -7.61
CA ALA A 219 44.65 -6.07 -7.87
C ALA A 219 43.23 -5.60 -7.53
N TYR A 220 42.21 -6.37 -7.96
CA TYR A 220 40.81 -6.07 -7.65
C TYR A 220 40.51 -6.27 -6.17
N ALA A 221 41.41 -6.93 -5.47
CA ALA A 221 41.20 -7.23 -4.06
C ALA A 221 41.68 -6.12 -3.14
N GLU A 222 42.75 -5.44 -3.53
CA GLU A 222 43.19 -4.22 -2.86
C GLU A 222 42.02 -3.23 -2.78
N HIS A 223 41.17 -3.24 -3.80
CA HIS A 223 40.01 -2.37 -3.85
C HIS A 223 38.81 -3.04 -3.23
N LYS A 224 39.05 -4.21 -2.65
CA LYS A 224 38.07 -4.92 -1.82
C LYS A 224 36.88 -5.47 -2.61
N LEU A 225 37.18 -6.35 -3.57
CA LEU A 225 36.18 -7.00 -4.38
C LEU A 225 36.67 -8.41 -4.64
N GLN A 226 35.88 -9.42 -4.25
CA GLN A 226 36.26 -10.82 -4.52
C GLN A 226 35.41 -11.41 -5.62
N PHE A 227 36.02 -12.28 -6.41
CA PHE A 227 35.29 -12.95 -7.48
C PHE A 227 34.72 -14.32 -7.09
N TRP A 228 33.52 -14.58 -7.57
CA TRP A 228 32.95 -15.91 -7.49
C TRP A 228 33.68 -16.89 -8.45
N ALA A 229 33.92 -16.45 -9.68
CA ALA A 229 34.54 -17.32 -10.69
C ALA A 229 35.25 -16.51 -11.74
N VAL A 230 36.17 -17.16 -12.46
CA VAL A 230 36.74 -16.61 -13.68
C VAL A 230 36.53 -17.58 -14.87
N THR A 231 36.31 -17.07 -16.09
CA THR A 231 36.40 -17.96 -17.27
C THR A 231 37.85 -18.13 -17.73
N ALA A 232 38.17 -19.34 -18.22
CA ALA A 232 39.49 -19.64 -18.78
C ALA A 232 39.94 -18.72 -19.92
N GLU A 233 38.99 -18.16 -20.68
CA GLU A 233 39.20 -17.19 -21.77
C GLU A 233 37.82 -16.85 -22.32
N ASN A 234 37.63 -15.69 -22.93
CA ASN A 234 36.34 -15.45 -23.59
C ASN A 234 36.56 -15.98 -24.97
N GLU A 235 35.62 -16.77 -25.47
CA GLU A 235 35.57 -17.20 -26.86
C GLU A 235 36.96 -17.57 -27.47
N PRO A 236 37.58 -18.66 -26.94
CA PRO A 236 38.85 -19.15 -27.48
C PRO A 236 38.77 -19.83 -28.85
N SER A 237 37.57 -20.22 -29.28
CA SER A 237 37.40 -20.82 -30.61
C SER A 237 37.80 -19.78 -31.66
N ALA A 238 37.74 -18.51 -31.24
CA ALA A 238 37.84 -17.36 -32.14
C ALA A 238 39.26 -17.07 -32.57
N GLY A 239 40.20 -17.23 -31.63
CA GLY A 239 41.63 -17.11 -31.90
C GLY A 239 42.21 -18.11 -32.89
N LEU A 240 41.42 -19.06 -33.39
CA LEU A 240 41.92 -20.00 -34.39
C LEU A 240 41.46 -19.61 -35.79
N LEU A 241 40.56 -18.63 -35.85
CA LEU A 241 40.01 -18.15 -37.10
C LEU A 241 40.91 -17.01 -37.55
N SER A 242 41.52 -17.14 -38.73
CA SER A 242 42.43 -16.08 -39.14
C SER A 242 41.60 -14.84 -39.36
N GLY A 243 42.23 -13.70 -39.06
CA GLY A 243 41.65 -12.36 -39.29
C GLY A 243 40.47 -12.00 -38.43
N TYR A 244 40.42 -12.60 -37.25
CA TYR A 244 39.39 -12.27 -36.27
C TYR A 244 39.67 -10.87 -35.76
N PRO A 245 38.64 -10.01 -35.67
CA PRO A 245 38.94 -8.59 -35.53
C PRO A 245 39.02 -8.08 -34.11
N PHE A 246 38.22 -8.65 -33.20
CA PHE A 246 38.22 -8.26 -31.77
C PHE A 246 39.41 -8.90 -31.07
N GLN A 247 39.78 -8.42 -29.89
CA GLN A 247 40.84 -9.07 -29.08
C GLN A 247 40.48 -10.49 -28.70
N CYS A 248 41.34 -11.43 -29.06
CA CYS A 248 41.02 -12.83 -28.91
C CYS A 248 42.31 -13.58 -28.77
N LEU A 249 42.29 -14.64 -27.96
CA LEU A 249 43.44 -15.54 -27.73
C LEU A 249 43.07 -16.99 -28.04
N GLY A 250 43.58 -17.55 -29.14
CA GLY A 250 43.22 -18.92 -29.53
C GLY A 250 43.60 -20.02 -28.55
N PHE A 251 42.78 -21.07 -28.51
CA PHE A 251 42.97 -22.27 -27.71
C PHE A 251 42.14 -23.39 -28.34
N THR A 252 42.77 -24.45 -28.87
CA THR A 252 41.99 -25.62 -29.27
C THR A 252 41.50 -26.28 -27.97
N PRO A 253 40.41 -27.09 -28.04
CA PRO A 253 39.96 -27.73 -26.79
C PRO A 253 41.12 -28.43 -26.08
N GLU A 254 41.87 -29.23 -26.86
CA GLU A 254 43.07 -29.91 -26.43
C GLU A 254 44.10 -28.95 -25.72
N HIS A 255 44.19 -27.71 -26.22
CA HIS A 255 45.07 -26.65 -25.65
C HIS A 255 44.57 -26.06 -24.31
N GLN A 256 43.31 -25.63 -24.29
CA GLN A 256 42.66 -25.22 -23.04
C GLN A 256 42.83 -26.32 -21.99
N ARG A 257 42.48 -27.56 -22.36
CA ARG A 257 42.55 -28.67 -21.40
C ARG A 257 43.89 -28.70 -20.71
N ASP A 258 44.96 -28.78 -21.50
CA ASP A 258 46.31 -28.93 -20.97
C ASP A 258 46.77 -27.66 -20.25
N PHE A 259 46.29 -26.51 -20.71
CA PHE A 259 46.58 -25.26 -20.02
C PHE A 259 46.02 -25.27 -18.61
N ILE A 260 44.72 -25.49 -18.48
CA ILE A 260 44.08 -25.57 -17.16
C ILE A 260 44.81 -26.56 -16.27
N ALA A 261 45.05 -27.75 -16.81
CA ALA A 261 45.70 -28.84 -16.09
C ALA A 261 47.09 -28.46 -15.52
N ARG A 262 47.97 -27.95 -16.37
CA ARG A 262 49.36 -27.81 -15.99
C ARG A 262 49.61 -26.43 -15.39
N ASP A 263 48.86 -25.43 -15.84
CA ASP A 263 49.14 -24.04 -15.49
C ASP A 263 48.02 -23.37 -14.70
N LEU A 264 46.86 -23.11 -15.32
CA LEU A 264 45.89 -22.19 -14.72
C LEU A 264 45.41 -22.70 -13.39
N GLY A 265 44.93 -23.94 -13.39
CA GLY A 265 44.40 -24.60 -12.20
C GLY A 265 45.37 -24.59 -11.03
N PRO A 266 46.52 -25.28 -11.19
CA PRO A 266 47.54 -25.35 -10.11
C PRO A 266 47.93 -23.97 -9.56
N THR A 267 48.19 -23.00 -10.44
CA THR A 267 48.55 -21.64 -10.07
C THR A 267 47.45 -21.02 -9.19
N LEU A 268 46.21 -21.11 -9.66
CA LEU A 268 45.06 -20.64 -8.88
C LEU A 268 44.98 -21.38 -7.57
N ALA A 269 45.13 -22.69 -7.65
CA ALA A 269 45.05 -23.54 -6.46
C ALA A 269 46.03 -23.14 -5.35
N ASN A 270 47.24 -22.73 -5.73
CA ASN A 270 48.31 -22.41 -4.79
C ASN A 270 48.23 -20.99 -4.21
N SER A 271 47.23 -20.23 -4.62
CA SER A 271 47.17 -18.81 -4.30
C SER A 271 46.08 -18.55 -3.30
N THR A 272 46.07 -17.35 -2.74
CA THR A 272 45.07 -16.98 -1.74
C THR A 272 43.63 -16.94 -2.31
N HIS A 273 43.48 -17.09 -3.64
CA HIS A 273 42.16 -17.07 -4.24
C HIS A 273 41.69 -18.45 -4.72
N HIS A 274 42.24 -19.48 -4.08
CA HIS A 274 41.98 -20.88 -4.41
C HIS A 274 40.48 -21.21 -4.49
N ASN A 275 39.68 -20.38 -3.82
CA ASN A 275 38.22 -20.49 -3.75
C ASN A 275 37.47 -19.92 -4.95
N VAL A 276 38.14 -19.10 -5.77
CA VAL A 276 37.56 -18.64 -7.02
C VAL A 276 37.36 -19.87 -7.93
N ARG A 277 36.14 -20.08 -8.42
CA ARG A 277 35.87 -21.23 -9.28
C ARG A 277 36.27 -20.97 -10.73
N LEU A 278 36.89 -21.95 -11.35
CA LEU A 278 37.17 -21.90 -12.79
C LEU A 278 35.98 -22.40 -13.69
N LEU A 279 35.71 -21.66 -14.77
CA LEU A 279 34.73 -22.08 -15.76
C LEU A 279 35.43 -22.27 -17.11
N MET A 280 34.96 -23.22 -17.94
CA MET A 280 35.62 -23.55 -19.21
C MET A 280 34.75 -23.21 -20.40
N LEU A 281 35.27 -23.37 -21.62
CA LEU A 281 34.53 -23.09 -22.86
C LEU A 281 33.64 -21.89 -22.82
N ASP A 282 34.19 -20.70 -22.58
CA ASP A 282 33.36 -19.53 -22.57
C ASP A 282 32.95 -19.12 -23.99
N ASP A 283 32.19 -19.99 -24.66
CA ASP A 283 32.02 -19.87 -26.09
C ASP A 283 30.71 -20.50 -26.49
N GLN A 284 30.40 -20.49 -27.78
CA GLN A 284 29.06 -20.84 -28.29
C GLN A 284 28.58 -22.29 -28.06
N ARG A 285 27.27 -22.44 -27.96
CA ARG A 285 26.68 -23.72 -27.65
C ARG A 285 27.03 -24.85 -28.64
N LEU A 286 27.20 -24.55 -29.93
CA LEU A 286 27.57 -25.60 -30.93
C LEU A 286 28.97 -26.21 -30.77
N LEU A 287 29.74 -25.69 -29.81
CA LEU A 287 31.05 -26.27 -29.48
C LEU A 287 30.95 -27.39 -28.47
N LEU A 288 29.74 -27.65 -27.96
CA LEU A 288 29.51 -28.77 -27.07
C LEU A 288 28.78 -29.89 -27.83
N PRO A 289 28.77 -31.11 -27.31
CA PRO A 289 29.42 -31.64 -26.12
C PRO A 289 30.92 -31.86 -26.38
N HIS A 290 31.39 -31.60 -27.61
CA HIS A 290 32.77 -31.92 -27.92
C HIS A 290 33.80 -31.31 -26.96
N TRP A 291 33.80 -30.01 -26.86
CA TRP A 291 34.73 -29.34 -25.99
C TRP A 291 34.74 -29.89 -24.58
N ALA A 292 33.58 -30.26 -24.08
CA ALA A 292 33.49 -30.83 -22.77
C ALA A 292 34.14 -32.20 -22.79
N LYS A 293 33.80 -33.00 -23.79
CA LYS A 293 34.32 -34.33 -23.87
C LYS A 293 35.82 -34.26 -23.75
N VAL A 294 36.45 -33.36 -24.52
CA VAL A 294 37.92 -33.26 -24.58
C VAL A 294 38.54 -32.79 -23.24
N VAL A 295 37.94 -31.81 -22.60
CA VAL A 295 38.59 -31.19 -21.46
C VAL A 295 38.35 -31.99 -20.20
N LEU A 296 37.11 -32.42 -20.02
CA LEU A 296 36.72 -33.05 -18.77
C LEU A 296 37.08 -34.54 -18.66
N THR A 297 37.14 -35.30 -19.78
CA THR A 297 37.49 -36.74 -19.72
C THR A 297 38.91 -36.99 -19.25
N ASP A 298 39.77 -35.97 -19.34
CA ASP A 298 41.08 -36.00 -18.65
C ASP A 298 40.94 -35.57 -17.18
N PRO A 299 41.21 -36.50 -16.25
CA PRO A 299 41.11 -36.30 -14.80
C PRO A 299 41.88 -35.10 -14.23
N GLU A 300 43.08 -34.86 -14.73
CA GLU A 300 43.95 -33.83 -14.18
C GLU A 300 43.49 -32.40 -14.45
N ALA A 301 42.65 -32.22 -15.47
CA ALA A 301 42.05 -30.91 -15.70
C ALA A 301 40.78 -30.82 -14.92
N ALA A 302 39.95 -31.85 -15.07
CA ALA A 302 38.52 -31.86 -14.70
C ALA A 302 38.31 -31.55 -13.25
N LYS A 303 39.29 -31.90 -12.44
CA LYS A 303 39.20 -31.70 -11.03
C LYS A 303 39.29 -30.23 -10.67
N TYR A 304 39.80 -29.41 -11.60
CA TYR A 304 39.82 -27.93 -11.42
C TYR A 304 38.58 -27.20 -11.91
N VAL A 305 37.91 -27.75 -12.91
CA VAL A 305 36.75 -27.15 -13.52
C VAL A 305 35.54 -27.29 -12.60
N HIS A 306 34.75 -26.22 -12.50
CA HIS A 306 33.53 -26.20 -11.69
C HIS A 306 32.27 -26.12 -12.58
N GLY A 307 32.45 -25.60 -13.79
CA GLY A 307 31.34 -25.36 -14.70
C GLY A 307 31.78 -25.17 -16.13
N ILE A 308 30.82 -25.22 -17.03
CA ILE A 308 31.03 -24.86 -18.43
C ILE A 308 30.18 -23.63 -18.68
N ALA A 309 30.80 -22.57 -19.22
CA ALA A 309 30.12 -21.32 -19.56
C ALA A 309 29.72 -21.26 -21.05
N VAL A 310 28.50 -20.90 -21.38
CA VAL A 310 28.10 -20.89 -22.78
C VAL A 310 27.66 -19.51 -23.26
N HIS A 311 27.53 -19.33 -24.58
CA HIS A 311 27.13 -18.07 -25.22
C HIS A 311 25.91 -18.21 -26.11
N TRP A 312 24.92 -17.39 -25.86
CA TRP A 312 23.77 -17.32 -26.73
C TRP A 312 23.90 -16.18 -27.69
N TYR A 313 24.05 -16.50 -28.94
CA TYR A 313 23.84 -15.58 -30.04
C TYR A 313 22.43 -15.78 -30.53
N LEU A 314 21.55 -14.83 -30.25
CA LEU A 314 20.13 -15.05 -30.40
C LEU A 314 19.69 -14.88 -31.84
N ASP A 315 20.62 -14.48 -32.69
CA ASP A 315 20.35 -14.41 -34.13
C ASP A 315 20.52 -15.77 -34.86
N PHE A 316 21.01 -16.78 -34.14
CA PHE A 316 21.34 -18.08 -34.73
C PHE A 316 20.66 -19.26 -34.08
N LEU A 317 20.15 -20.19 -34.90
CA LEU A 317 19.49 -21.41 -34.38
C LEU A 317 20.60 -22.33 -33.84
N ALA A 318 20.30 -23.12 -32.80
CA ALA A 318 21.28 -24.07 -32.22
C ALA A 318 20.67 -25.07 -31.23
N PRO A 319 20.36 -26.30 -31.68
CA PRO A 319 19.45 -27.14 -30.88
C PRO A 319 20.02 -27.48 -29.50
N ALA A 320 19.24 -27.18 -28.46
CA ALA A 320 19.68 -27.35 -27.09
C ALA A 320 19.90 -28.81 -26.68
N LYS A 321 19.01 -29.70 -27.09
CA LYS A 321 19.10 -31.12 -26.72
C LYS A 321 20.46 -31.67 -27.12
N ALA A 322 20.81 -31.46 -28.39
CA ALA A 322 22.06 -31.97 -28.92
C ALA A 322 23.25 -31.28 -28.29
N THR A 323 23.07 -30.06 -27.82
CA THR A 323 24.21 -29.30 -27.24
C THR A 323 24.31 -29.36 -25.72
N LEU A 324 23.49 -28.56 -25.03
CA LEU A 324 23.40 -28.57 -23.57
C LEU A 324 22.84 -29.87 -23.03
N GLY A 325 21.73 -30.33 -23.61
CA GLY A 325 21.14 -31.60 -23.26
C GLY A 325 22.21 -32.68 -23.25
N GLU A 326 22.83 -32.92 -24.40
CA GLU A 326 23.83 -33.97 -24.47
C GLU A 326 24.95 -33.77 -23.43
N THR A 327 25.31 -32.52 -23.20
CA THR A 327 26.42 -32.16 -22.31
C THR A 327 26.18 -32.55 -20.84
N HIS A 328 24.95 -32.37 -20.39
CA HIS A 328 24.56 -32.71 -19.04
C HIS A 328 24.55 -34.20 -18.89
N ARG A 329 24.00 -34.90 -19.89
CA ARG A 329 23.99 -36.34 -19.88
C ARG A 329 25.40 -36.86 -19.59
N LEU A 330 26.36 -36.49 -20.42
CA LEU A 330 27.75 -36.96 -20.29
C LEU A 330 28.48 -36.55 -19.00
N PHE A 331 28.05 -35.45 -18.39
CA PHE A 331 28.62 -35.01 -17.12
C PHE A 331 27.51 -34.37 -16.33
N PRO A 332 26.77 -35.16 -15.56
CA PRO A 332 25.63 -34.58 -14.88
C PRO A 332 26.05 -33.76 -13.68
N ASN A 333 27.32 -33.85 -13.29
CA ASN A 333 27.72 -33.18 -12.08
C ASN A 333 28.49 -31.91 -12.32
N THR A 334 28.52 -31.51 -13.60
CA THR A 334 29.26 -30.35 -14.09
C THR A 334 28.25 -29.31 -14.54
N MET A 335 28.32 -28.12 -13.92
CA MET A 335 27.25 -27.12 -14.07
C MET A 335 27.29 -26.30 -15.39
N LEU A 336 26.13 -25.99 -15.93
CA LEU A 336 26.07 -25.19 -17.11
C LEU A 336 25.65 -23.78 -16.75
N PHE A 337 26.41 -22.81 -17.23
CA PHE A 337 26.14 -21.44 -16.90
C PHE A 337 26.27 -20.59 -18.17
N ALA A 338 25.36 -19.65 -18.35
CA ALA A 338 25.34 -18.83 -19.56
C ALA A 338 25.94 -17.47 -19.27
N SER A 339 27.13 -17.21 -19.84
CA SER A 339 27.98 -16.06 -19.47
C SER A 339 27.92 -14.84 -20.42
N GLU A 340 27.26 -15.00 -21.56
CA GLU A 340 27.06 -13.93 -22.50
C GLU A 340 25.92 -14.25 -23.44
N ALA A 341 25.07 -13.25 -23.63
CA ALA A 341 24.10 -13.32 -24.68
C ALA A 341 24.00 -11.94 -25.26
N CYS A 342 23.62 -11.90 -26.53
CA CYS A 342 23.38 -10.63 -27.21
C CYS A 342 22.60 -10.88 -28.52
N VAL A 343 22.08 -9.78 -29.07
CA VAL A 343 21.36 -9.81 -30.33
C VAL A 343 21.61 -8.49 -31.04
N GLY A 344 21.67 -8.52 -32.38
CA GLY A 344 21.71 -7.30 -33.19
C GLY A 344 22.64 -7.27 -34.39
N SER A 345 23.09 -8.44 -34.85
CA SER A 345 24.14 -8.47 -35.90
C SER A 345 23.64 -8.69 -37.34
N LYS A 346 22.50 -9.37 -37.49
CA LYS A 346 21.83 -9.51 -38.78
C LYS A 346 22.18 -8.20 -39.49
N PHE A 347 22.86 -8.30 -40.64
CA PHE A 347 23.50 -7.16 -41.29
C PHE A 347 22.43 -6.13 -41.63
N TRP A 348 21.22 -6.61 -41.87
CA TRP A 348 20.10 -5.84 -42.37
C TRP A 348 19.27 -5.16 -41.28
N GLU A 349 19.53 -5.54 -40.03
CA GLU A 349 18.92 -4.94 -38.83
C GLU A 349 19.84 -3.85 -38.26
N GLN A 350 19.26 -2.68 -38.02
CA GLN A 350 19.87 -1.67 -37.15
C GLN A 350 20.49 -2.41 -35.96
N SER A 351 21.66 -1.97 -35.51
CA SER A 351 22.27 -2.63 -34.36
C SER A 351 21.47 -2.51 -33.07
N VAL A 352 20.95 -1.29 -32.82
CA VAL A 352 20.11 -0.96 -31.69
C VAL A 352 18.72 -0.67 -32.24
N ARG A 353 17.75 -1.48 -31.84
CA ARG A 353 16.36 -1.30 -32.27
C ARG A 353 15.54 -1.00 -31.05
N LEU A 354 15.41 0.31 -30.78
CA LEU A 354 14.63 0.86 -29.65
C LEU A 354 13.12 0.53 -29.62
N GLY A 355 12.78 -0.39 -28.72
CA GLY A 355 11.40 -0.78 -28.46
C GLY A 355 11.01 -2.02 -29.21
N SER A 356 12.01 -2.79 -29.64
CA SER A 356 11.77 -4.06 -30.31
C SER A 356 11.28 -5.11 -29.36
N TRP A 357 10.02 -5.47 -29.46
CA TRP A 357 9.51 -6.54 -28.63
C TRP A 357 10.05 -7.87 -29.15
N ASP A 358 10.09 -8.07 -30.46
CA ASP A 358 10.58 -9.33 -30.99
C ASP A 358 11.88 -9.76 -30.32
N ARG A 359 12.81 -8.81 -30.19
CA ARG A 359 14.08 -9.04 -29.48
C ARG A 359 13.93 -9.37 -28.00
N GLY A 360 12.96 -8.77 -27.31
CA GLY A 360 12.66 -9.15 -25.93
C GLY A 360 12.20 -10.61 -25.87
N MET A 361 11.16 -10.95 -26.65
CA MET A 361 10.69 -12.33 -26.85
C MET A 361 11.84 -13.31 -27.10
N GLN A 362 12.76 -12.95 -27.99
CA GLN A 362 13.89 -13.81 -28.34
C GLN A 362 14.74 -14.04 -27.11
N TYR A 363 14.89 -13.01 -26.31
CA TYR A 363 15.62 -13.11 -25.04
C TYR A 363 15.05 -14.09 -24.07
N SER A 364 13.78 -13.90 -23.72
CA SER A 364 13.11 -14.78 -22.79
C SER A 364 13.02 -16.23 -23.30
N HIS A 365 12.54 -16.43 -24.53
CA HIS A 365 12.54 -17.76 -25.16
C HIS A 365 13.85 -18.45 -24.97
N SER A 366 14.93 -17.66 -25.03
CA SER A 366 16.29 -18.16 -24.76
C SER A 366 16.62 -18.53 -23.33
N ILE A 367 16.13 -17.75 -22.37
CA ILE A 367 16.39 -18.06 -20.94
C ILE A 367 15.55 -19.25 -20.44
N ILE A 368 14.26 -19.26 -20.80
CA ILE A 368 13.40 -20.37 -20.49
C ILE A 368 14.05 -21.62 -21.03
N THR A 369 14.31 -21.62 -22.35
CA THR A 369 14.90 -22.80 -22.99
C THR A 369 16.15 -23.15 -22.21
N SER A 370 16.97 -22.16 -21.91
CA SER A 370 18.13 -22.41 -21.05
C SER A 370 17.87 -23.31 -19.85
N LEU A 371 16.94 -22.89 -19.02
CA LEU A 371 16.69 -23.54 -17.75
C LEU A 371 16.02 -24.89 -17.91
N LEU A 372 15.28 -25.06 -19.01
CA LEU A 372 14.67 -26.37 -19.28
C LEU A 372 15.79 -27.36 -19.64
N TYR A 373 16.95 -26.84 -20.00
CA TYR A 373 18.11 -27.68 -20.30
C TYR A 373 19.25 -27.42 -19.30
N HIS A 374 18.86 -27.32 -18.04
CA HIS A 374 19.77 -27.52 -16.90
C HIS A 374 20.70 -26.38 -16.55
N VAL A 375 20.47 -25.20 -17.13
CA VAL A 375 21.41 -24.08 -17.00
C VAL A 375 21.21 -23.32 -15.66
N VAL A 376 22.29 -23.02 -14.93
CA VAL A 376 22.16 -22.40 -13.58
C VAL A 376 22.15 -20.89 -13.53
N GLY A 377 22.26 -20.19 -14.64
CA GLY A 377 22.30 -18.72 -14.59
C GLY A 377 22.65 -18.06 -15.89
N TRP A 378 22.04 -16.91 -16.15
CA TRP A 378 22.10 -16.26 -17.45
C TRP A 378 22.60 -14.82 -17.27
N THR A 379 23.55 -14.43 -18.11
CA THR A 379 24.28 -13.16 -18.00
C THR A 379 24.33 -12.43 -19.32
N ASP A 380 23.73 -11.24 -19.33
CA ASP A 380 23.64 -10.44 -20.52
C ASP A 380 25.03 -9.89 -20.92
N TRP A 381 25.12 -9.33 -22.13
CA TRP A 381 26.37 -8.81 -22.61
C TRP A 381 26.52 -7.41 -22.01
N ASN A 382 26.26 -6.32 -22.73
CA ASN A 382 26.55 -5.02 -22.12
C ASN A 382 25.39 -4.49 -21.32
N LEU A 383 25.74 -3.94 -20.16
CA LEU A 383 24.75 -3.30 -19.30
C LEU A 383 24.10 -2.14 -20.00
N ALA A 384 24.87 -1.38 -20.79
CA ALA A 384 24.32 -0.18 -21.36
C ALA A 384 25.13 0.22 -22.55
N LEU A 385 24.46 0.76 -23.57
CA LEU A 385 25.13 1.27 -24.80
C LEU A 385 24.51 2.56 -25.30
N ASN A 386 25.03 3.08 -26.40
CA ASN A 386 24.51 4.30 -26.97
C ASN A 386 23.56 3.99 -28.16
N PRO A 387 22.92 5.01 -28.75
CA PRO A 387 21.94 4.67 -29.80
C PRO A 387 22.52 4.10 -31.08
N GLU A 388 23.81 4.34 -31.29
CA GLU A 388 24.53 3.82 -32.45
C GLU A 388 24.78 2.35 -32.15
N GLY A 389 25.16 2.09 -30.90
CA GLY A 389 25.17 0.74 -30.36
C GLY A 389 26.54 0.43 -29.83
N GLY A 390 27.20 1.49 -29.42
CA GLY A 390 28.61 1.44 -29.09
C GLY A 390 28.78 2.13 -27.77
N PRO A 391 29.99 2.54 -27.44
CA PRO A 391 31.20 2.63 -28.26
C PRO A 391 31.99 1.36 -28.40
N ASN A 392 32.11 0.85 -29.63
CA ASN A 392 32.88 -0.36 -29.96
C ASN A 392 33.98 -0.01 -30.96
N TRP A 393 35.25 -0.27 -30.62
CA TRP A 393 36.40 0.05 -31.52
C TRP A 393 36.49 -0.71 -32.89
N VAL A 394 35.63 -1.70 -33.13
CA VAL A 394 35.63 -2.41 -34.40
C VAL A 394 34.33 -2.18 -35.20
N ARG A 395 33.19 -2.39 -34.54
CA ARG A 395 31.89 -2.18 -35.15
C ARG A 395 30.83 -2.40 -34.10
N ASN A 396 29.76 -1.60 -34.15
CA ASN A 396 28.52 -1.95 -33.48
C ASN A 396 27.91 -3.16 -34.17
N PHE A 397 27.56 -4.16 -33.40
CA PHE A 397 26.84 -5.27 -34.00
C PHE A 397 25.76 -5.79 -33.07
N VAL A 398 25.65 -5.21 -31.86
CA VAL A 398 24.62 -5.67 -30.93
C VAL A 398 23.85 -4.60 -30.19
N ASP A 399 22.57 -4.88 -29.96
CA ASP A 399 21.65 -4.08 -29.12
C ASP A 399 22.02 -4.15 -27.60
N SER A 400 21.26 -3.47 -26.75
CA SER A 400 21.41 -3.62 -25.31
C SER A 400 20.09 -3.35 -24.60
N PRO A 401 19.93 -3.83 -23.34
CA PRO A 401 18.66 -3.61 -22.64
C PRO A 401 18.37 -2.17 -22.21
N ILE A 402 19.43 -1.46 -21.84
CA ILE A 402 19.37 0.00 -21.60
C ILE A 402 20.20 0.78 -22.62
N ILE A 403 19.59 1.76 -23.29
CA ILE A 403 20.33 2.66 -24.18
C ILE A 403 20.43 4.08 -23.59
N VAL A 404 21.64 4.63 -23.58
CA VAL A 404 21.90 6.00 -23.04
C VAL A 404 21.99 7.14 -24.09
N ASP A 405 21.08 8.11 -23.99
CA ASP A 405 21.04 9.29 -24.88
C ASP A 405 21.68 10.48 -24.15
N ILE A 406 23.01 10.37 -23.99
CA ILE A 406 23.93 11.42 -23.50
C ILE A 406 23.65 12.93 -23.79
N THR A 407 23.22 13.25 -25.03
CA THR A 407 22.86 14.61 -25.43
C THR A 407 21.63 15.12 -24.66
N LYS A 408 20.69 14.22 -24.34
CA LYS A 408 19.41 14.61 -23.71
C LYS A 408 19.38 14.20 -22.24
N ASP A 409 20.53 13.81 -21.70
CA ASP A 409 20.63 13.20 -20.34
C ASP A 409 19.54 12.17 -19.89
N THR A 410 18.89 11.52 -20.85
CA THR A 410 17.90 10.50 -20.56
C THR A 410 18.49 9.12 -20.87
N PHE A 411 17.89 8.05 -20.35
CA PHE A 411 18.19 6.72 -20.86
C PHE A 411 16.96 5.89 -21.02
N TYR A 412 17.03 4.91 -21.91
CA TYR A 412 15.84 4.16 -22.27
C TYR A 412 15.89 2.68 -21.87
N LYS A 413 14.73 2.10 -21.57
CA LYS A 413 14.63 0.68 -21.22
C LYS A 413 13.84 -0.12 -22.22
N GLN A 414 14.58 -0.96 -22.96
CA GLN A 414 14.07 -1.77 -24.05
C GLN A 414 13.18 -2.92 -23.54
N PRO A 415 12.29 -3.45 -24.41
CA PRO A 415 11.51 -4.64 -24.05
C PRO A 415 12.43 -5.74 -23.51
N MET A 416 13.63 -5.83 -24.09
CA MET A 416 14.71 -6.69 -23.57
C MET A 416 14.85 -6.63 -22.05
N PHE A 417 14.94 -5.40 -21.54
CA PHE A 417 15.25 -5.19 -20.15
C PHE A 417 14.18 -5.87 -19.35
N TYR A 418 12.92 -5.69 -19.74
CA TYR A 418 11.79 -6.24 -18.99
C TYR A 418 11.61 -7.73 -19.18
N HIS A 419 11.84 -8.23 -20.40
CA HIS A 419 11.85 -9.67 -20.64
C HIS A 419 12.90 -10.39 -19.80
N LEU A 420 13.94 -9.68 -19.41
CA LEU A 420 14.96 -10.25 -18.51
C LEU A 420 14.45 -10.15 -17.08
N GLY A 421 13.88 -9.00 -16.73
CA GLY A 421 13.42 -8.71 -15.38
C GLY A 421 12.38 -9.70 -14.89
N HIS A 422 11.56 -10.20 -15.82
CA HIS A 422 10.50 -11.16 -15.51
C HIS A 422 11.10 -12.42 -14.91
N PHE A 423 12.41 -12.61 -15.08
CA PHE A 423 13.19 -13.72 -14.47
C PHE A 423 14.00 -13.27 -13.24
N SER A 424 14.95 -12.37 -13.45
CA SER A 424 15.97 -11.98 -12.46
C SER A 424 15.42 -11.44 -11.16
N LYS A 425 14.26 -10.84 -11.21
CA LYS A 425 13.68 -10.20 -10.04
C LYS A 425 12.96 -11.21 -9.20
N PHE A 426 12.54 -12.31 -9.81
CA PHE A 426 11.67 -13.22 -9.12
C PHE A 426 12.23 -14.60 -8.91
N ILE A 427 13.48 -14.79 -9.33
CA ILE A 427 14.19 -16.03 -9.10
C ILE A 427 15.51 -15.70 -8.42
N PRO A 428 15.47 -15.56 -7.08
CA PRO A 428 16.69 -15.38 -6.31
C PRO A 428 17.66 -16.51 -6.50
N GLU A 429 18.87 -16.29 -6.01
CA GLU A 429 19.84 -17.36 -5.90
C GLU A 429 19.37 -18.40 -4.91
N GLY A 430 19.58 -19.67 -5.22
CA GLY A 430 19.15 -20.77 -4.41
C GLY A 430 17.89 -21.39 -4.92
N SER A 431 17.10 -20.67 -5.72
CA SER A 431 15.85 -21.20 -6.25
C SER A 431 16.07 -22.50 -7.04
N GLN A 432 15.09 -23.38 -7.10
CA GLN A 432 15.32 -24.62 -7.82
C GLN A 432 14.23 -24.89 -8.84
N ARG A 433 14.64 -25.09 -10.10
CA ARG A 433 13.70 -25.46 -11.14
C ARG A 433 12.99 -26.75 -10.72
N VAL A 434 11.69 -26.81 -10.96
CA VAL A 434 10.86 -27.95 -10.57
C VAL A 434 10.00 -28.39 -11.76
N GLY A 435 9.44 -29.60 -11.74
CA GLY A 435 8.66 -30.09 -12.89
C GLY A 435 7.51 -29.19 -13.26
N LEU A 436 7.03 -29.25 -14.50
CA LEU A 436 5.83 -28.52 -14.86
C LEU A 436 5.27 -29.10 -16.13
N VAL A 437 4.15 -29.80 -16.02
CA VAL A 437 3.68 -30.63 -17.10
C VAL A 437 2.63 -29.92 -17.89
N ALA A 438 2.82 -29.87 -19.21
CA ALA A 438 1.76 -29.41 -20.13
C ALA A 438 0.71 -30.52 -20.26
N SER A 439 -0.56 -30.16 -20.36
CA SER A 439 -1.57 -31.18 -20.48
C SER A 439 -1.67 -31.60 -21.94
N GLN A 440 -1.36 -30.67 -22.85
CA GLN A 440 -1.44 -30.84 -24.33
C GLN A 440 -0.37 -30.01 -25.07
N LYS A 441 -0.23 -30.19 -26.39
CA LYS A 441 0.72 -29.40 -27.19
C LYS A 441 0.22 -27.96 -27.19
N ASN A 442 1.14 -27.00 -27.12
CA ASN A 442 0.77 -25.58 -27.01
C ASN A 442 1.85 -24.64 -27.51
N ASP A 443 1.39 -23.51 -28.04
CA ASP A 443 2.30 -22.55 -28.67
C ASP A 443 3.07 -21.70 -27.65
N LEU A 444 2.99 -22.07 -26.38
CA LEU A 444 3.62 -21.32 -25.31
C LEU A 444 4.90 -21.95 -24.78
N ASP A 445 5.78 -21.10 -24.27
CA ASP A 445 6.96 -21.53 -23.53
C ASP A 445 6.77 -21.24 -22.05
N ALA A 446 7.04 -22.25 -21.22
CA ALA A 446 6.80 -22.16 -19.76
C ALA A 446 7.95 -22.67 -18.90
N VAL A 447 8.04 -22.18 -17.68
CA VAL A 447 9.05 -22.72 -16.76
C VAL A 447 8.62 -22.51 -15.33
N ALA A 448 8.94 -23.46 -14.48
CA ALA A 448 8.49 -23.39 -13.13
C ALA A 448 9.70 -23.61 -12.25
N LEU A 449 9.82 -22.82 -11.20
CA LEU A 449 10.91 -22.98 -10.23
C LEU A 449 10.37 -22.75 -8.83
N MET A 450 11.20 -23.04 -7.84
CA MET A 450 10.76 -22.94 -6.47
C MET A 450 11.73 -22.14 -5.62
N HIS A 451 11.26 -21.02 -5.12
CA HIS A 451 12.02 -20.20 -4.21
C HIS A 451 12.59 -21.03 -3.10
N PRO A 452 13.61 -20.48 -2.38
CA PRO A 452 14.22 -21.05 -1.18
C PRO A 452 13.21 -21.24 -0.05
N ASP A 453 12.36 -20.22 0.15
CA ASP A 453 11.30 -20.26 1.15
C ASP A 453 10.12 -21.18 0.70
N GLY A 454 10.24 -21.78 -0.48
CA GLY A 454 9.28 -22.80 -0.94
C GLY A 454 8.04 -22.28 -1.63
N SER A 455 8.07 -21.03 -2.10
CA SER A 455 6.96 -20.45 -2.81
C SER A 455 7.20 -20.62 -4.31
N ALA A 456 6.14 -20.59 -5.11
CA ALA A 456 6.25 -20.92 -6.52
C ALA A 456 6.52 -19.70 -7.43
N VAL A 457 7.04 -19.95 -8.61
CA VAL A 457 7.21 -18.92 -9.61
C VAL A 457 7.23 -19.60 -10.96
N VAL A 458 6.31 -19.18 -11.81
CA VAL A 458 6.22 -19.72 -13.14
C VAL A 458 6.23 -18.57 -14.15
N VAL A 459 7.24 -18.53 -15.02
CA VAL A 459 7.20 -17.66 -16.18
C VAL A 459 6.50 -18.29 -17.37
N VAL A 460 5.61 -17.54 -18.01
CA VAL A 460 4.92 -17.91 -19.28
C VAL A 460 5.13 -16.86 -20.41
N LEU A 461 5.70 -17.30 -21.51
CA LEU A 461 5.83 -16.48 -22.72
C LEU A 461 4.80 -16.86 -23.79
N ASN A 462 4.19 -15.86 -24.44
CA ASN A 462 3.43 -16.12 -25.64
C ASN A 462 4.14 -15.47 -26.81
N ARG A 463 4.55 -16.27 -27.79
CA ARG A 463 5.07 -15.69 -29.01
C ARG A 463 4.10 -15.68 -30.21
N SER A 464 2.90 -16.27 -30.08
CA SER A 464 1.92 -16.20 -31.18
C SER A 464 1.12 -14.89 -31.08
N SER A 465 0.25 -14.62 -32.05
CA SER A 465 -0.54 -13.40 -32.01
C SER A 465 -1.83 -13.64 -31.23
N LYS A 466 -2.30 -14.89 -31.18
CA LYS A 466 -3.55 -15.26 -30.48
C LYS A 466 -3.36 -15.28 -28.95
N ASP A 467 -4.40 -14.83 -28.22
CA ASP A 467 -4.53 -15.03 -26.78
C ASP A 467 -4.63 -16.53 -26.46
N VAL A 468 -4.18 -16.93 -25.27
CA VAL A 468 -4.22 -18.35 -24.87
C VAL A 468 -4.84 -18.59 -23.49
N PRO A 469 -6.01 -19.28 -23.44
CA PRO A 469 -6.63 -19.62 -22.15
C PRO A 469 -5.80 -20.71 -21.45
N LEU A 470 -5.50 -20.50 -20.15
CA LEU A 470 -4.56 -21.34 -19.43
C LEU A 470 -4.93 -21.56 -17.93
N THR A 471 -4.73 -22.79 -17.45
CA THR A 471 -4.90 -23.12 -16.05
C THR A 471 -3.57 -23.64 -15.53
N ILE A 472 -3.09 -23.05 -14.45
CA ILE A 472 -1.93 -23.56 -13.77
C ILE A 472 -2.39 -24.21 -12.50
N LYS A 473 -2.20 -25.53 -12.39
CA LYS A 473 -2.55 -26.27 -11.17
C LYS A 473 -1.36 -26.37 -10.20
N ASP A 474 -1.60 -26.16 -8.93
CA ASP A 474 -0.62 -26.54 -7.93
C ASP A 474 -1.27 -27.53 -6.95
N PRO A 475 -0.77 -28.79 -6.87
CA PRO A 475 -1.36 -29.83 -6.00
C PRO A 475 -1.71 -29.38 -4.58
N ALA A 476 -0.88 -28.54 -3.97
CA ALA A 476 -1.14 -28.03 -2.62
C ALA A 476 -2.16 -26.86 -2.54
N VAL A 477 -2.19 -25.96 -3.52
CA VAL A 477 -3.09 -24.83 -3.42
C VAL A 477 -4.38 -24.92 -4.26
N GLY A 478 -4.31 -25.42 -5.49
CA GLY A 478 -5.54 -25.52 -6.31
C GLY A 478 -5.33 -24.95 -7.69
N PHE A 479 -6.36 -24.39 -8.29
CA PHE A 479 -6.26 -24.03 -9.69
C PHE A 479 -6.17 -22.52 -9.85
N LEU A 480 -5.30 -22.08 -10.76
CA LEU A 480 -5.15 -20.65 -11.05
C LEU A 480 -5.62 -20.33 -12.47
N GLU A 481 -6.80 -19.73 -12.58
CA GLU A 481 -7.38 -19.49 -13.90
C GLU A 481 -6.81 -18.22 -14.53
N THR A 482 -6.34 -18.34 -15.77
CA THR A 482 -5.80 -17.19 -16.50
C THR A 482 -5.91 -17.30 -18.05
N ILE A 483 -5.57 -16.19 -18.73
CA ILE A 483 -5.45 -16.13 -20.16
C ILE A 483 -4.06 -15.53 -20.40
N SER A 484 -3.35 -16.03 -21.41
CA SER A 484 -2.04 -15.51 -21.80
C SER A 484 -2.13 -14.80 -23.15
N PRO A 485 -2.05 -13.46 -23.14
CA PRO A 485 -2.31 -12.67 -24.33
C PRO A 485 -1.23 -12.89 -25.40
N GLY A 486 -1.58 -12.74 -26.69
CA GLY A 486 -0.59 -12.89 -27.75
C GLY A 486 0.59 -12.01 -27.40
N TYR A 487 1.77 -12.29 -27.93
CA TYR A 487 2.95 -11.41 -27.73
C TYR A 487 3.03 -10.84 -26.28
N SER A 488 3.04 -11.73 -25.28
CA SER A 488 3.14 -11.26 -23.90
C SER A 488 4.06 -12.12 -23.06
N ILE A 489 4.25 -11.69 -21.82
CA ILE A 489 5.08 -12.42 -20.87
C ILE A 489 4.57 -12.26 -19.45
N HIS A 490 4.19 -13.37 -18.83
CA HIS A 490 3.72 -13.34 -17.45
C HIS A 490 4.70 -14.01 -16.52
N THR A 491 4.88 -13.42 -15.34
CA THR A 491 5.55 -14.11 -14.24
C THR A 491 4.59 -14.21 -13.06
N TYR A 492 4.19 -15.43 -12.70
CA TYR A 492 3.18 -15.69 -11.65
C TYR A 492 3.95 -16.04 -10.40
N LEU A 493 3.45 -15.59 -9.25
CA LEU A 493 3.99 -16.01 -7.91
C LEU A 493 2.88 -16.31 -6.90
N TRP A 494 3.20 -17.17 -5.93
CA TRP A 494 2.26 -17.56 -4.89
C TRP A 494 2.86 -18.32 -3.72
N ARG A 495 2.25 -18.22 -2.54
CA ARG A 495 2.62 -19.09 -1.42
C ARG A 495 1.99 -20.43 -1.68
N ARG A 496 2.64 -21.49 -1.20
CA ARG A 496 2.17 -22.88 -1.33
C ARG A 496 1.59 -23.40 0.00
N GLN A 497 2.05 -22.78 1.09
CA GLN A 497 1.63 -23.16 2.42
C GLN A 497 0.69 -22.13 3.05
N ALA B 1 -49.27 12.47 26.38
CA ALA B 1 -49.45 11.09 26.92
C ALA B 1 -48.62 10.92 28.21
N ARG B 2 -47.98 9.75 28.33
CA ARG B 2 -47.41 9.20 29.58
C ARG B 2 -46.19 9.96 30.07
N PRO B 3 -46.17 10.32 31.37
CA PRO B 3 -45.14 11.05 32.09
C PRO B 3 -44.01 10.18 32.58
N CYS B 4 -42.91 10.79 32.98
CA CYS B 4 -41.76 10.13 33.60
C CYS B 4 -42.18 9.41 34.88
N ILE B 5 -41.67 8.19 35.08
CA ILE B 5 -41.71 7.49 36.35
C ILE B 5 -40.36 7.70 37.02
N PRO B 6 -40.28 8.61 38.01
CA PRO B 6 -38.99 8.96 38.59
C PRO B 6 -38.45 7.98 39.64
N LYS B 7 -37.14 7.86 39.74
CA LYS B 7 -36.46 7.12 40.81
C LYS B 7 -35.07 7.71 41.08
N SER B 8 -34.64 7.64 42.34
CA SER B 8 -33.42 8.31 42.78
C SER B 8 -32.32 7.28 43.11
N PHE B 9 -31.07 7.65 42.88
CA PHE B 9 -29.94 6.84 43.27
C PHE B 9 -28.94 7.68 44.11
N GLY B 10 -29.45 8.72 44.76
CA GLY B 10 -28.64 9.58 45.59
C GLY B 10 -27.78 10.59 44.85
N TYR B 11 -28.13 10.91 43.62
CA TYR B 11 -27.45 11.99 42.92
C TYR B 11 -28.40 13.21 42.84
N SER B 12 -27.93 14.34 42.31
CA SER B 12 -28.70 15.58 42.32
C SER B 12 -30.10 15.53 41.71
N SER B 13 -30.38 14.51 40.89
CA SER B 13 -31.70 14.40 40.25
C SER B 13 -32.12 12.95 39.95
N VAL B 14 -33.26 12.78 39.27
CA VAL B 14 -33.82 11.44 39.07
C VAL B 14 -33.63 10.89 37.64
N VAL B 15 -33.87 9.60 37.49
CA VAL B 15 -33.94 8.96 36.18
C VAL B 15 -35.40 8.66 35.89
N CYS B 16 -35.73 8.35 34.62
CA CYS B 16 -37.10 7.92 34.26
C CYS B 16 -37.14 6.46 33.94
N VAL B 17 -37.61 5.68 34.91
CA VAL B 17 -37.64 4.25 34.79
C VAL B 17 -38.59 3.88 33.68
N CYS B 18 -38.13 3.01 32.76
CA CYS B 18 -39.01 2.45 31.72
C CYS B 18 -38.86 0.94 31.67
N ASN B 19 -39.95 0.24 31.34
CA ASN B 19 -39.94 -1.22 31.19
C ASN B 19 -40.75 -1.71 29.97
N ALA B 20 -41.19 -2.97 29.96
CA ALA B 20 -41.80 -3.55 28.76
C ALA B 20 -43.24 -3.14 28.49
N THR B 21 -43.88 -2.60 29.52
CA THR B 21 -45.29 -2.21 29.45
C THR B 21 -45.48 -0.70 29.59
N TYR B 22 -44.43 0.01 30.05
CA TYR B 22 -44.50 1.47 30.27
C TYR B 22 -43.17 2.23 29.93
N CYS B 23 -43.30 3.39 29.27
CA CYS B 23 -42.19 4.37 29.15
C CYS B 23 -42.72 5.77 28.97
N ASP B 24 -42.07 6.77 29.56
CA ASP B 24 -42.52 8.17 29.44
C ASP B 24 -42.34 8.53 28.00
N SER B 25 -43.35 9.20 27.44
CA SER B 25 -43.41 9.48 26.01
C SER B 25 -44.14 10.80 25.76
N PHE B 26 -44.08 11.28 24.51
CA PHE B 26 -44.69 12.53 24.07
C PHE B 26 -45.98 12.31 23.30
N ASP B 27 -46.81 13.34 23.29
CA ASP B 27 -47.95 13.41 22.39
C ASP B 27 -47.43 13.70 20.97
N PRO B 28 -48.21 13.33 19.90
CA PRO B 28 -47.78 13.66 18.51
C PRO B 28 -47.52 15.16 18.37
N PRO B 29 -46.37 15.55 17.79
CA PRO B 29 -45.95 16.96 17.89
C PRO B 29 -46.94 17.95 17.25
N THR B 30 -47.17 19.07 17.94
CA THR B 30 -48.06 20.11 17.43
C THR B 30 -47.33 21.42 17.31
N PHE B 31 -48.01 22.42 16.72
CA PHE B 31 -47.51 23.80 16.71
C PHE B 31 -48.41 24.86 17.37
N PRO B 32 -47.78 25.76 18.15
CA PRO B 32 -48.46 26.90 18.73
C PRO B 32 -49.05 27.80 17.65
N ALA B 33 -50.28 28.27 17.90
CA ALA B 33 -50.92 29.27 17.06
C ALA B 33 -50.08 30.55 17.03
N LEU B 34 -50.15 31.28 15.93
CA LEU B 34 -49.47 32.56 15.78
C LEU B 34 -49.91 33.45 16.92
N GLY B 35 -48.96 34.09 17.60
CA GLY B 35 -49.29 34.89 18.77
C GLY B 35 -49.07 34.14 20.06
N THR B 36 -48.93 32.81 19.96
CA THR B 36 -48.64 31.99 21.13
C THR B 36 -47.31 31.27 20.92
N PHE B 37 -46.58 31.06 22.02
CA PHE B 37 -45.32 30.32 22.03
C PHE B 37 -45.52 28.98 22.72
N SER B 38 -44.67 28.00 22.40
CA SER B 38 -44.65 26.69 23.10
C SER B 38 -43.46 26.56 23.99
N ARG B 39 -43.60 25.93 25.15
CA ARG B 39 -42.44 25.67 26.04
C ARG B 39 -42.29 24.20 26.42
N TYR B 40 -41.08 23.69 26.34
CA TYR B 40 -40.74 22.44 26.97
C TYR B 40 -39.76 22.68 28.10
N GLU B 41 -40.02 22.04 29.24
CA GLU B 41 -39.26 22.38 30.45
C GLU B 41 -38.69 21.13 31.09
N SER B 42 -37.38 21.16 31.39
CA SER B 42 -36.77 20.18 32.28
C SER B 42 -36.01 20.86 33.43
N THR B 43 -36.17 20.34 34.63
CA THR B 43 -35.56 20.95 35.82
C THR B 43 -34.96 19.88 36.69
N ARG B 44 -33.92 20.23 37.47
CA ARG B 44 -33.32 19.27 38.37
C ARG B 44 -34.37 18.64 39.30
N SER B 45 -35.34 19.45 39.71
CA SER B 45 -36.36 19.03 40.69
C SER B 45 -37.37 18.01 40.17
N GLY B 46 -37.29 17.64 38.91
CA GLY B 46 -38.06 16.50 38.43
C GLY B 46 -38.85 16.65 37.14
N ARG B 47 -39.05 17.88 36.67
CA ARG B 47 -39.84 18.08 35.46
C ARG B 47 -39.03 17.60 34.26
N ARG B 48 -39.69 16.85 33.40
CA ARG B 48 -39.01 16.22 32.27
C ARG B 48 -39.69 16.53 30.97
N MET B 49 -39.15 17.54 30.30
CA MET B 49 -39.68 18.12 29.07
C MET B 49 -41.18 18.28 29.08
N GLU B 50 -41.66 18.99 30.11
CA GLU B 50 -43.06 19.33 30.27
C GLU B 50 -43.45 20.37 29.25
N LEU B 51 -44.55 20.11 28.58
CA LEU B 51 -45.10 21.04 27.63
C LEU B 51 -46.10 21.98 28.28
N SER B 52 -45.89 23.26 28.00
CA SER B 52 -46.77 24.33 28.39
C SER B 52 -46.76 25.39 27.26
N MET B 53 -47.67 26.34 27.35
CA MET B 53 -47.86 27.32 26.31
C MET B 53 -48.29 28.65 26.93
N GLY B 54 -48.00 29.74 26.23
CA GLY B 54 -48.28 31.09 26.70
C GLY B 54 -48.27 32.13 25.58
N PRO B 55 -48.71 33.36 25.87
CA PRO B 55 -48.88 34.39 24.85
C PRO B 55 -47.63 35.19 24.47
N ILE B 56 -47.60 35.67 23.23
CA ILE B 56 -46.57 36.59 22.79
C ILE B 56 -47.16 37.99 22.91
N GLN B 57 -46.46 38.88 23.62
CA GLN B 57 -47.01 40.19 23.91
C GLN B 57 -46.64 41.23 22.84
N ALA B 58 -47.54 42.19 22.61
CA ALA B 58 -47.26 43.31 21.69
C ALA B 58 -46.19 44.25 22.20
N ASN B 59 -46.16 44.52 23.51
CA ASN B 59 -45.27 45.53 24.09
C ASN B 59 -44.60 45.00 25.32
N HIS B 60 -43.41 45.49 25.63
CA HIS B 60 -42.68 45.03 26.82
C HIS B 60 -42.08 46.16 27.63
N THR B 61 -42.48 46.21 28.90
CA THR B 61 -42.01 47.23 29.83
C THR B 61 -41.00 46.64 30.77
N GLY B 62 -39.75 47.10 30.70
CA GLY B 62 -38.80 46.59 31.66
C GLY B 62 -37.42 47.17 31.68
N THR B 63 -36.69 46.73 32.70
CA THR B 63 -35.26 47.00 32.86
C THR B 63 -34.50 45.65 32.87
N GLY B 64 -35.24 44.56 33.04
CA GLY B 64 -34.66 43.19 33.07
C GLY B 64 -34.15 42.64 31.74
N LEU B 65 -33.65 41.40 31.77
CA LEU B 65 -32.85 40.86 30.68
C LEU B 65 -33.58 40.62 29.35
N LEU B 66 -32.96 41.01 28.23
CA LEU B 66 -33.61 40.88 26.93
C LEU B 66 -32.80 40.20 25.82
N LEU B 67 -33.21 38.98 25.47
CA LEU B 67 -32.62 38.29 24.29
C LEU B 67 -33.35 38.68 23.03
N THR B 68 -32.62 39.23 22.08
CA THR B 68 -33.24 39.73 20.88
C THR B 68 -32.80 38.83 19.74
N LEU B 69 -33.79 38.19 19.14
CA LEU B 69 -33.61 37.45 17.89
C LEU B 69 -33.21 38.36 16.76
N GLN B 70 -32.27 37.92 15.95
CA GLN B 70 -31.85 38.69 14.78
C GLN B 70 -31.97 37.84 13.56
N PRO B 71 -33.22 37.67 13.07
CA PRO B 71 -33.58 36.79 11.96
C PRO B 71 -32.62 36.89 10.82
N GLU B 72 -31.94 38.02 10.68
CA GLU B 72 -31.02 38.12 9.56
C GLU B 72 -29.55 37.73 9.82
N GLN B 73 -29.14 37.60 11.07
CA GLN B 73 -27.81 37.07 11.35
C GLN B 73 -27.86 35.58 11.09
N LYS B 74 -27.73 35.19 9.82
CA LYS B 74 -27.77 33.78 9.40
C LYS B 74 -26.41 33.02 9.48
N PHE B 75 -26.40 31.83 10.11
CA PHE B 75 -25.19 31.02 10.27
C PHE B 75 -25.29 29.61 9.70
N GLN B 76 -24.60 28.65 10.32
CA GLN B 76 -24.63 27.29 9.83
C GLN B 76 -26.03 26.68 9.75
N LYS B 77 -26.25 25.88 8.70
CA LYS B 77 -27.41 25.00 8.61
C LYS B 77 -27.16 23.70 9.39
N VAL B 78 -28.23 23.01 9.82
CA VAL B 78 -28.09 21.88 10.73
C VAL B 78 -28.34 20.49 10.09
N LYS B 79 -27.33 19.63 10.19
CA LYS B 79 -27.45 18.25 9.73
C LYS B 79 -28.41 17.46 10.62
N GLY B 80 -28.05 17.38 11.91
CA GLY B 80 -28.92 16.83 12.95
C GLY B 80 -28.22 16.23 14.18
N PHE B 81 -28.96 15.41 14.90
CA PHE B 81 -28.53 14.84 16.17
C PHE B 81 -28.78 13.37 16.19
N GLY B 82 -27.98 12.64 16.96
CA GLY B 82 -28.13 11.19 17.08
C GLY B 82 -27.05 10.62 17.98
N GLY B 83 -26.75 9.33 17.83
CA GLY B 83 -25.78 8.66 18.68
C GLY B 83 -25.31 7.38 18.03
N ALA B 84 -24.38 6.68 18.71
CA ALA B 84 -23.62 5.56 18.13
C ALA B 84 -24.08 4.18 18.53
N MET B 85 -24.40 3.37 17.52
CA MET B 85 -24.79 1.95 17.70
C MET B 85 -23.55 1.04 17.86
N THR B 86 -22.93 1.03 19.04
CA THR B 86 -21.72 0.24 19.25
C THR B 86 -22.10 -1.17 19.62
N ASP B 87 -21.20 -2.13 19.46
CA ASP B 87 -21.55 -3.50 19.83
C ASP B 87 -22.18 -3.50 21.19
N ALA B 88 -21.55 -2.76 22.10
CA ALA B 88 -22.01 -2.66 23.48
C ALA B 88 -23.47 -2.24 23.54
N ALA B 89 -23.83 -1.25 22.74
CA ALA B 89 -25.18 -0.72 22.79
C ALA B 89 -26.13 -1.79 22.33
N ALA B 90 -25.91 -2.24 21.09
CA ALA B 90 -26.76 -3.23 20.46
C ALA B 90 -26.99 -4.37 21.41
N LEU B 91 -25.90 -4.83 22.01
CA LEU B 91 -25.97 -5.92 22.96
C LEU B 91 -26.83 -5.58 24.14
N ASN B 92 -26.62 -4.44 24.79
CA ASN B 92 -27.51 -4.10 25.87
C ASN B 92 -28.97 -4.04 25.39
N ILE B 93 -29.21 -3.27 24.31
CA ILE B 93 -30.56 -3.08 23.83
C ILE B 93 -31.19 -4.41 23.50
N LEU B 94 -30.45 -5.28 22.81
CA LEU B 94 -31.05 -6.55 22.41
C LEU B 94 -31.19 -7.61 23.48
N ALA B 95 -30.74 -7.33 24.70
CA ALA B 95 -30.87 -8.28 25.81
C ALA B 95 -32.10 -8.05 26.69
N LEU B 96 -32.83 -6.96 26.46
CA LEU B 96 -34.15 -6.75 27.07
C LEU B 96 -35.21 -7.47 26.25
N SER B 97 -36.36 -7.72 26.86
CA SER B 97 -37.50 -8.30 26.13
C SER B 97 -37.86 -7.42 24.94
N PRO B 98 -38.54 -7.99 23.93
CA PRO B 98 -38.95 -7.19 22.74
C PRO B 98 -39.79 -5.91 22.99
N PRO B 99 -40.91 -5.95 23.76
CA PRO B 99 -41.55 -4.62 23.96
C PRO B 99 -40.70 -3.61 24.76
N ALA B 100 -39.88 -4.08 25.71
CA ALA B 100 -38.89 -3.20 26.33
C ALA B 100 -38.03 -2.54 25.23
N GLN B 101 -37.66 -3.34 24.24
CA GLN B 101 -36.87 -2.86 23.09
C GLN B 101 -37.62 -1.80 22.26
N ASN B 102 -38.78 -2.11 21.71
CA ASN B 102 -39.46 -1.13 20.88
C ASN B 102 -39.51 0.22 21.56
N LEU B 103 -39.83 0.21 22.86
CA LEU B 103 -40.02 1.44 23.64
C LEU B 103 -38.71 2.18 23.72
N LEU B 104 -37.64 1.42 23.99
CA LEU B 104 -36.27 1.99 23.97
C LEU B 104 -35.95 2.63 22.62
N LEU B 105 -36.28 1.96 21.53
CA LEU B 105 -35.95 2.55 20.23
C LEU B 105 -36.81 3.77 19.91
N LYS B 106 -38.11 3.69 20.18
CA LYS B 106 -38.99 4.85 20.03
C LYS B 106 -38.59 6.05 20.90
N SER B 107 -38.07 5.79 22.09
CA SER B 107 -37.52 6.84 22.97
C SER B 107 -36.55 7.75 22.26
N TYR B 108 -35.78 7.16 21.35
CA TYR B 108 -34.75 7.83 20.55
C TYR B 108 -35.23 8.25 19.15
N PHE B 109 -36.10 7.49 18.51
CA PHE B 109 -36.25 7.63 17.05
C PHE B 109 -37.63 8.00 16.55
N SER B 110 -38.60 7.97 17.45
CA SER B 110 -39.98 8.27 17.11
C SER B 110 -40.35 9.78 17.34
N GLU B 111 -41.52 10.18 16.90
CA GLU B 111 -41.96 11.52 17.18
C GLU B 111 -42.45 11.60 18.62
N GLU B 112 -42.75 10.44 19.19
CA GLU B 112 -43.11 10.36 20.59
C GLU B 112 -41.91 10.18 21.45
N GLY B 113 -40.75 10.27 20.81
CA GLY B 113 -39.48 10.29 21.53
C GLY B 113 -38.77 11.57 21.14
N ILE B 114 -37.44 11.54 21.14
CA ILE B 114 -36.67 12.75 20.84
C ILE B 114 -36.15 12.82 19.43
N GLY B 115 -36.63 11.92 18.58
CA GLY B 115 -36.43 11.96 17.11
C GLY B 115 -35.02 12.11 16.54
N TYR B 116 -34.07 11.33 17.04
CA TYR B 116 -32.71 11.29 16.52
C TYR B 116 -32.73 11.11 15.00
N ASN B 117 -31.81 11.74 14.25
CA ASN B 117 -31.75 11.54 12.79
C ASN B 117 -30.38 11.13 12.27
N ILE B 118 -29.49 10.74 13.19
CA ILE B 118 -28.18 10.14 12.86
C ILE B 118 -27.83 8.96 13.80
N ILE B 119 -27.31 7.90 13.19
CA ILE B 119 -26.69 6.83 13.95
C ILE B 119 -25.32 6.64 13.36
N ARG B 120 -24.29 6.83 14.21
CA ARG B 120 -22.92 6.51 13.87
C ARG B 120 -22.61 5.02 14.09
N VAL B 121 -21.95 4.42 13.10
CA VAL B 121 -21.74 2.98 13.05
C VAL B 121 -20.28 2.61 12.90
N PRO B 122 -19.72 1.93 13.92
CA PRO B 122 -18.35 1.48 13.87
C PRO B 122 -18.18 0.36 12.86
N MET B 123 -17.12 0.48 12.07
CA MET B 123 -16.68 -0.49 11.09
C MET B 123 -15.80 -1.48 11.82
N ALA B 124 -16.44 -2.47 12.43
CA ALA B 124 -15.80 -3.55 13.22
C ALA B 124 -15.70 -3.15 14.68
N SER B 125 -14.80 -3.82 15.40
CA SER B 125 -14.72 -3.73 16.86
C SER B 125 -14.04 -2.44 17.40
N CYS B 126 -14.68 -1.78 18.37
CA CYS B 126 -13.99 -0.72 19.13
C CYS B 126 -13.73 -1.15 20.55
N ASP B 127 -13.41 -0.19 21.42
CA ASP B 127 -13.24 -0.53 22.84
C ASP B 127 -14.58 -0.93 23.47
N PHE B 128 -15.70 -0.48 22.89
CA PHE B 128 -17.03 -0.92 23.28
C PHE B 128 -17.52 -2.11 22.45
N SER B 129 -16.70 -3.13 22.46
CA SER B 129 -17.05 -4.42 21.93
C SER B 129 -16.58 -5.38 23.04
N ILE B 130 -17.01 -6.64 22.94
CA ILE B 130 -16.60 -7.69 23.88
C ILE B 130 -15.60 -8.65 23.25
N ARG B 131 -15.13 -8.32 22.04
CA ARG B 131 -14.06 -9.06 21.37
C ARG B 131 -13.46 -8.25 20.23
N THR B 132 -12.16 -8.41 20.02
CA THR B 132 -11.51 -7.72 18.93
C THR B 132 -11.77 -8.53 17.67
N TYR B 133 -12.06 -7.86 16.54
CA TYR B 133 -12.24 -8.49 15.21
C TYR B 133 -12.19 -7.44 14.11
N THR B 134 -11.67 -7.77 12.94
CA THR B 134 -11.90 -6.92 11.80
C THR B 134 -12.80 -7.70 10.90
N TYR B 135 -13.12 -7.12 9.74
CA TYR B 135 -13.94 -7.82 8.77
C TYR B 135 -13.09 -8.74 7.93
N ALA B 136 -11.76 -8.56 8.00
CA ALA B 136 -10.78 -9.31 7.21
C ALA B 136 -9.57 -9.74 8.05
N ASP B 137 -9.77 -10.72 8.92
CA ASP B 137 -8.70 -11.15 9.82
C ASP B 137 -7.74 -12.17 9.20
N THR B 138 -8.11 -12.77 8.06
CA THR B 138 -7.20 -13.68 7.32
C THR B 138 -5.96 -12.93 6.80
N PRO B 139 -4.75 -13.36 7.22
CA PRO B 139 -3.57 -12.53 6.94
C PRO B 139 -3.15 -12.42 5.49
N ASP B 140 -2.91 -11.19 5.04
CA ASP B 140 -2.38 -10.90 3.73
C ASP B 140 -3.41 -11.09 2.62
N ASP B 141 -4.69 -10.96 2.96
CA ASP B 141 -5.73 -11.11 1.97
C ASP B 141 -5.88 -9.78 1.26
N PHE B 142 -4.90 -9.42 0.46
CA PHE B 142 -4.86 -8.11 -0.19
C PHE B 142 -5.99 -7.87 -1.12
N GLN B 143 -6.75 -8.92 -1.41
CA GLN B 143 -7.82 -8.86 -2.40
C GLN B 143 -9.15 -8.88 -1.67
N LEU B 144 -9.08 -9.10 -0.37
CA LEU B 144 -10.24 -9.24 0.49
C LEU B 144 -11.27 -10.28 -0.04
N HIS B 145 -10.77 -11.50 -0.30
CA HIS B 145 -11.67 -12.62 -0.59
C HIS B 145 -12.54 -12.88 0.64
N ASN B 146 -11.89 -13.02 1.81
CA ASN B 146 -12.53 -13.35 3.10
C ASN B 146 -13.00 -12.14 3.95
N PHE B 147 -13.31 -11.03 3.28
CA PHE B 147 -13.93 -9.90 3.91
C PHE B 147 -15.35 -10.31 4.17
N SER B 148 -15.86 -10.05 5.38
CA SER B 148 -17.29 -10.24 5.71
C SER B 148 -17.70 -9.64 7.06
N LEU B 149 -19.01 -9.60 7.29
CA LEU B 149 -19.56 -9.13 8.54
C LEU B 149 -19.87 -10.30 9.44
N PRO B 150 -19.40 -10.25 10.71
CA PRO B 150 -19.66 -11.27 11.71
C PRO B 150 -21.03 -11.03 12.32
N GLU B 151 -21.33 -11.71 13.42
CA GLU B 151 -22.67 -11.59 13.93
C GLU B 151 -22.97 -10.23 14.52
N GLU B 152 -21.94 -9.57 14.99
CA GLU B 152 -22.10 -8.29 15.66
C GLU B 152 -22.84 -7.29 14.77
N ASP B 153 -22.56 -7.39 13.47
CA ASP B 153 -23.23 -6.59 12.46
C ASP B 153 -24.55 -7.22 12.06
N THR B 154 -24.53 -8.51 11.71
CA THR B 154 -25.68 -9.20 11.08
C THR B 154 -26.83 -9.59 11.96
N LYS B 155 -26.58 -9.92 13.23
CA LYS B 155 -27.68 -10.18 14.16
C LYS B 155 -27.92 -9.08 15.22
N LEU B 156 -27.02 -8.10 15.30
CA LEU B 156 -27.18 -7.02 16.28
C LEU B 156 -27.32 -5.62 15.64
N LYS B 157 -26.22 -5.10 15.11
CA LYS B 157 -26.19 -3.72 14.65
C LYS B 157 -27.21 -3.44 13.55
N ILE B 158 -27.29 -4.30 12.53
CA ILE B 158 -28.16 -4.06 11.40
C ILE B 158 -29.65 -4.18 11.77
N PRO B 159 -30.07 -5.35 12.30
CA PRO B 159 -31.47 -5.47 12.64
C PRO B 159 -31.93 -4.24 13.39
N LEU B 160 -31.12 -3.78 14.34
CA LEU B 160 -31.49 -2.64 15.20
C LEU B 160 -31.53 -1.34 14.41
N ILE B 161 -30.62 -1.18 13.45
CA ILE B 161 -30.72 -0.02 12.57
C ILE B 161 -32.00 -0.07 11.74
N HIS B 162 -32.29 -1.22 11.10
CA HIS B 162 -33.55 -1.29 10.33
C HIS B 162 -34.71 -0.87 11.20
N ARG B 163 -34.80 -1.45 12.38
CA ARG B 163 -35.92 -1.10 13.28
C ARG B 163 -35.95 0.38 13.63
N ALA B 164 -34.76 0.97 13.81
CA ALA B 164 -34.64 2.40 14.18
C ALA B 164 -35.11 3.28 13.06
N LEU B 165 -34.76 2.89 11.83
CA LEU B 165 -35.27 3.62 10.68
C LEU B 165 -36.78 3.48 10.63
N GLN B 166 -37.27 2.24 10.68
CA GLN B 166 -38.69 2.03 10.54
C GLN B 166 -39.47 3.06 11.37
N LEU B 167 -39.14 3.17 12.67
CA LEU B 167 -39.92 4.02 13.61
C LEU B 167 -39.76 5.53 13.35
N ALA B 168 -38.56 5.95 12.97
CA ALA B 168 -38.25 7.35 12.64
C ALA B 168 -39.07 7.87 11.48
N GLN B 169 -39.44 9.14 11.59
CA GLN B 169 -40.18 9.76 10.49
C GLN B 169 -39.38 10.81 9.79
N ARG B 170 -38.37 11.36 10.45
CA ARG B 170 -37.41 12.22 9.78
C ARG B 170 -36.48 11.21 9.10
N PRO B 171 -35.90 11.54 7.94
CA PRO B 171 -34.94 10.58 7.38
C PRO B 171 -33.68 10.51 8.24
N VAL B 172 -33.19 9.30 8.50
CA VAL B 172 -31.97 9.11 9.32
C VAL B 172 -30.77 8.92 8.44
N SER B 173 -29.67 9.52 8.84
CA SER B 173 -28.41 9.40 8.14
C SER B 173 -27.42 8.55 8.91
N LEU B 174 -26.69 7.71 8.19
CA LEU B 174 -25.74 6.87 8.84
C LEU B 174 -24.31 7.38 8.62
N LEU B 175 -23.48 7.26 9.65
CA LEU B 175 -22.07 7.67 9.63
C LEU B 175 -21.21 6.52 10.14
N ALA B 176 -20.20 6.11 9.37
CA ALA B 176 -19.40 4.94 9.71
C ALA B 176 -17.98 5.29 9.97
N SER B 177 -17.34 4.55 10.87
CA SER B 177 -16.00 4.88 11.33
C SER B 177 -15.24 3.64 11.74
N PRO B 178 -14.02 3.48 11.22
CA PRO B 178 -13.14 2.38 11.57
C PRO B 178 -12.20 2.76 12.72
N TRP B 179 -11.95 1.84 13.66
CA TRP B 179 -10.94 2.06 14.73
C TRP B 179 -9.58 1.46 14.34
N THR B 180 -9.56 0.20 13.91
CA THR B 180 -8.37 -0.43 13.37
C THR B 180 -8.61 -1.12 11.99
N SER B 181 -7.57 -1.18 11.19
CA SER B 181 -7.56 -2.00 10.00
C SER B 181 -7.21 -3.42 10.43
N PRO B 182 -7.37 -4.40 9.54
CA PRO B 182 -6.78 -5.72 9.85
C PRO B 182 -5.31 -5.57 10.26
N THR B 183 -4.76 -6.49 11.05
CA THR B 183 -3.43 -6.24 11.67
C THR B 183 -2.27 -6.40 10.72
N TRP B 184 -2.44 -7.25 9.70
CA TRP B 184 -1.45 -7.36 8.62
C TRP B 184 -1.20 -6.06 7.81
N LEU B 185 -2.15 -5.13 7.80
CA LEU B 185 -1.90 -3.83 7.17
C LEU B 185 -1.07 -2.90 8.07
N LYS B 186 -1.09 -3.12 9.38
CA LYS B 186 -0.43 -2.23 10.35
C LYS B 186 1.01 -2.63 10.58
N THR B 187 1.88 -1.63 10.76
CA THR B 187 3.33 -1.78 11.05
C THR B 187 3.64 -2.60 12.29
N ASN B 188 2.78 -2.55 13.30
CA ASN B 188 3.01 -3.29 14.53
C ASN B 188 2.20 -4.59 14.71
N GLY B 189 1.30 -4.92 13.76
CA GLY B 189 0.65 -6.24 13.79
C GLY B 189 -0.24 -6.50 15.00
N ALA B 190 -0.72 -5.42 15.59
CA ALA B 190 -1.61 -5.49 16.73
C ALA B 190 -2.82 -4.58 16.47
N VAL B 191 -3.91 -4.82 17.19
CA VAL B 191 -5.10 -4.00 17.03
C VAL B 191 -4.90 -2.69 17.73
N ASN B 192 -3.98 -2.68 18.68
CA ASN B 192 -3.72 -1.54 19.55
C ASN B 192 -2.25 -1.18 19.52
N GLY B 193 -1.90 -0.14 20.29
CA GLY B 193 -0.51 0.26 20.45
C GLY B 193 -0.07 1.19 19.33
N LYS B 194 1.09 1.83 19.48
CA LYS B 194 1.62 2.67 18.40
C LYS B 194 1.70 1.84 17.12
N GLY B 195 0.97 2.28 16.10
CA GLY B 195 1.02 1.61 14.81
C GLY B 195 0.24 2.35 13.74
N SER B 196 0.54 2.03 12.49
CA SER B 196 -0.11 2.67 11.37
C SER B 196 -0.05 1.77 10.18
N LEU B 197 -0.76 2.18 9.14
CA LEU B 197 -0.69 1.58 7.83
C LEU B 197 0.75 1.50 7.34
N LYS B 198 1.16 0.29 6.94
CA LYS B 198 2.46 0.00 6.32
C LYS B 198 2.71 0.71 5.00
N GLY B 199 3.99 0.85 4.69
CA GLY B 199 4.47 1.58 3.51
C GLY B 199 4.00 3.02 3.48
N GLN B 200 3.67 3.46 2.28
CA GLN B 200 3.38 4.87 2.04
C GLN B 200 2.15 4.93 1.15
N PRO B 201 1.40 6.04 1.22
CA PRO B 201 0.13 6.12 0.48
C PRO B 201 0.32 5.81 -0.98
N GLY B 202 -0.74 5.40 -1.66
CA GLY B 202 -0.61 4.99 -3.05
C GLY B 202 -0.07 3.57 -3.20
N ASP B 203 0.58 3.02 -2.18
CA ASP B 203 1.01 1.63 -2.23
C ASP B 203 -0.09 0.56 -2.06
N ILE B 204 0.32 -0.70 -1.96
CA ILE B 204 -0.66 -1.76 -1.82
C ILE B 204 -1.37 -1.78 -0.46
N TYR B 205 -0.66 -1.47 0.61
CA TYR B 205 -1.29 -1.43 1.95
C TYR B 205 -2.37 -0.36 2.00
N HIS B 206 -2.05 0.78 1.42
CA HIS B 206 -2.96 1.89 1.46
C HIS B 206 -4.12 1.67 0.49
N GLN B 207 -3.82 1.11 -0.70
CA GLN B 207 -4.86 0.74 -1.69
C GLN B 207 -5.88 -0.26 -1.13
N THR B 208 -5.38 -1.26 -0.40
CA THR B 208 -6.25 -2.23 0.29
C THR B 208 -7.11 -1.54 1.35
N TRP B 209 -6.49 -0.69 2.16
CA TRP B 209 -7.26 -0.12 3.21
C TRP B 209 -8.45 0.64 2.63
N ALA B 210 -8.20 1.38 1.57
CA ALA B 210 -9.24 2.04 0.82
C ALA B 210 -10.31 1.05 0.36
N ARG B 211 -9.90 -0.03 -0.32
CA ARG B 211 -10.87 -0.97 -0.89
C ARG B 211 -11.82 -1.49 0.17
N TYR B 212 -11.29 -1.54 1.39
CA TYR B 212 -11.99 -2.06 2.56
C TYR B 212 -13.22 -1.22 2.90
N PHE B 213 -13.05 0.10 2.89
CA PHE B 213 -14.19 0.99 3.02
C PHE B 213 -15.27 0.56 1.99
N VAL B 214 -14.90 0.47 0.69
CA VAL B 214 -15.87 0.14 -0.37
C VAL B 214 -16.53 -1.22 -0.10
N LYS B 215 -15.77 -2.18 0.40
CA LYS B 215 -16.37 -3.48 0.70
C LYS B 215 -17.33 -3.28 1.85
N PHE B 216 -16.90 -2.49 2.82
CA PHE B 216 -17.76 -2.21 3.94
C PHE B 216 -19.10 -1.72 3.43
N LEU B 217 -19.05 -0.69 2.58
CA LEU B 217 -20.26 -0.09 2.10
C LEU B 217 -21.02 -1.03 1.19
N ASP B 218 -20.30 -1.88 0.44
CA ASP B 218 -20.93 -2.94 -0.33
C ASP B 218 -21.84 -3.82 0.56
N ALA B 219 -21.26 -4.31 1.64
CA ALA B 219 -21.96 -5.25 2.51
C ALA B 219 -23.20 -4.60 3.11
N TYR B 220 -23.08 -3.36 3.55
CA TYR B 220 -24.22 -2.73 4.16
C TYR B 220 -25.28 -2.40 3.11
N ALA B 221 -24.86 -2.33 1.85
CA ALA B 221 -25.80 -2.07 0.79
C ALA B 221 -26.64 -3.32 0.57
N GLU B 222 -26.00 -4.48 0.70
CA GLU B 222 -26.70 -5.74 0.50
C GLU B 222 -27.77 -5.98 1.53
N HIS B 223 -27.68 -5.30 2.67
CA HIS B 223 -28.75 -5.30 3.67
C HIS B 223 -29.55 -4.01 3.62
N LYS B 224 -29.55 -3.39 2.44
CA LYS B 224 -30.42 -2.23 2.13
C LYS B 224 -30.19 -1.01 3.00
N LEU B 225 -28.92 -0.76 3.32
CA LEU B 225 -28.55 0.39 4.11
C LEU B 225 -27.51 1.21 3.38
N GLN B 226 -27.78 2.50 3.18
CA GLN B 226 -26.82 3.47 2.62
C GLN B 226 -26.31 4.42 3.70
N PHE B 227 -25.04 4.81 3.64
CA PHE B 227 -24.48 5.78 4.59
C PHE B 227 -24.34 7.17 3.98
N TRP B 228 -24.79 8.18 4.70
CA TRP B 228 -24.56 9.57 4.30
C TRP B 228 -23.08 9.94 4.29
N ALA B 229 -22.28 9.37 5.19
CA ALA B 229 -20.87 9.72 5.28
C ALA B 229 -20.03 8.67 6.00
N VAL B 230 -18.71 8.75 5.79
CA VAL B 230 -17.73 8.01 6.57
C VAL B 230 -16.67 8.95 7.12
N THR B 231 -15.96 8.52 8.16
CA THR B 231 -14.79 9.26 8.64
C THR B 231 -13.49 8.62 8.15
N ALA B 232 -12.45 9.40 7.93
CA ALA B 232 -11.21 8.85 7.44
C ALA B 232 -10.58 7.91 8.43
N GLU B 233 -10.83 8.13 9.73
CA GLU B 233 -10.32 7.26 10.80
C GLU B 233 -10.87 7.86 12.09
N ASN B 234 -11.17 6.98 13.04
CA ASN B 234 -11.55 7.41 14.38
C ASN B 234 -10.24 7.64 15.11
N GLU B 235 -10.18 8.73 15.85
CA GLU B 235 -9.01 9.17 16.63
C GLU B 235 -7.61 8.85 16.14
N PRO B 236 -7.31 9.27 14.90
CA PRO B 236 -6.04 8.96 14.33
C PRO B 236 -4.86 9.24 15.22
N SER B 237 -4.97 10.28 16.04
CA SER B 237 -3.85 10.71 16.85
C SER B 237 -3.46 9.62 17.82
N ALA B 238 -4.48 8.90 18.27
CA ALA B 238 -4.31 7.80 19.21
C ALA B 238 -3.39 6.70 18.70
N GLY B 239 -3.41 6.41 17.39
CA GLY B 239 -2.56 5.36 16.79
C GLY B 239 -1.08 5.71 16.85
N LEU B 240 -0.80 6.95 17.25
CA LEU B 240 0.55 7.49 17.36
C LEU B 240 1.09 7.41 18.77
N LEU B 241 0.35 6.80 19.70
CA LEU B 241 0.84 6.74 21.08
C LEU B 241 1.33 5.36 21.53
N SER B 242 2.56 5.32 22.03
CA SER B 242 3.12 4.06 22.56
C SER B 242 2.18 3.59 23.61
N GLY B 243 2.00 2.27 23.70
CA GLY B 243 1.10 1.66 24.71
C GLY B 243 -0.43 1.75 24.56
N TYR B 244 -0.94 2.47 23.56
CA TYR B 244 -2.39 2.63 23.39
C TYR B 244 -3.14 1.29 23.45
N PRO B 245 -4.19 1.23 24.30
CA PRO B 245 -4.83 -0.03 24.74
C PRO B 245 -5.92 -0.62 23.86
N PHE B 246 -6.60 0.18 23.04
CA PHE B 246 -7.67 -0.42 22.32
C PHE B 246 -7.59 -0.12 20.82
N GLN B 247 -8.59 -0.58 20.05
CA GLN B 247 -8.47 -0.55 18.60
C GLN B 247 -8.11 0.86 18.12
N CYS B 248 -7.17 0.95 17.18
CA CYS B 248 -6.68 2.22 16.66
C CYS B 248 -5.83 2.04 15.41
N LEU B 249 -5.32 3.13 14.85
CA LEU B 249 -4.59 3.15 13.58
C LEU B 249 -4.14 4.59 13.46
N GLY B 250 -2.83 4.78 13.52
CA GLY B 250 -2.32 6.13 13.71
C GLY B 250 -2.01 6.94 12.49
N PHE B 251 -2.64 8.08 12.32
CA PHE B 251 -2.21 8.97 11.28
C PHE B 251 -1.61 10.26 11.83
N THR B 252 -0.44 10.64 11.31
CA THR B 252 -0.06 12.02 11.35
C THR B 252 -0.99 12.71 10.36
N PRO B 253 -1.12 14.03 10.48
CA PRO B 253 -2.01 14.68 9.54
C PRO B 253 -1.53 14.53 8.08
N GLU B 254 -0.19 14.59 7.87
CA GLU B 254 0.40 14.39 6.55
C GLU B 254 0.06 13.03 6.00
N HIS B 255 0.10 12.03 6.88
CA HIS B 255 -0.29 10.68 6.51
C HIS B 255 -1.78 10.74 6.06
N GLN B 256 -2.61 11.38 6.88
CA GLN B 256 -4.04 11.40 6.60
C GLN B 256 -4.30 12.15 5.31
N ARG B 257 -3.54 13.24 5.12
CA ARG B 257 -3.67 14.07 3.94
C ARG B 257 -3.37 13.20 2.73
N ASP B 258 -2.21 12.55 2.77
CA ASP B 258 -1.72 11.82 1.62
C ASP B 258 -2.61 10.61 1.30
N PHE B 259 -2.98 9.90 2.36
CA PHE B 259 -3.90 8.78 2.27
C PHE B 259 -5.18 9.20 1.53
N ILE B 260 -5.70 10.37 1.88
CA ILE B 260 -6.99 10.82 1.36
C ILE B 260 -6.90 11.15 -0.12
N ALA B 261 -5.81 11.81 -0.46
CA ALA B 261 -5.56 12.26 -1.81
C ALA B 261 -5.28 11.08 -2.73
N ARG B 262 -4.35 10.22 -2.32
CA ARG B 262 -3.82 9.20 -3.20
C ARG B 262 -4.69 7.94 -3.23
N ASP B 263 -5.33 7.62 -2.12
CA ASP B 263 -6.10 6.36 -1.99
C ASP B 263 -7.59 6.49 -1.68
N LEU B 264 -7.90 6.83 -0.43
CA LEU B 264 -9.30 6.94 0.01
C LEU B 264 -10.21 7.76 -0.93
N GLY B 265 -9.81 9.00 -1.25
CA GLY B 265 -10.53 9.86 -2.19
C GLY B 265 -10.87 9.19 -3.52
N PRO B 266 -9.83 8.86 -4.32
CA PRO B 266 -10.05 8.22 -5.64
C PRO B 266 -10.89 6.96 -5.56
N THR B 267 -10.57 6.10 -4.59
CA THR B 267 -11.25 4.80 -4.50
C THR B 267 -12.75 4.97 -4.36
N LEU B 268 -13.16 5.86 -3.46
CA LEU B 268 -14.55 6.21 -3.21
C LEU B 268 -15.16 6.85 -4.44
N ALA B 269 -14.37 7.71 -5.08
CA ALA B 269 -14.77 8.38 -6.30
C ALA B 269 -15.10 7.43 -7.48
N ASN B 270 -14.28 6.40 -7.67
CA ASN B 270 -14.51 5.45 -8.76
C ASN B 270 -15.48 4.32 -8.46
N SER B 271 -16.38 4.52 -7.50
CA SER B 271 -17.30 3.46 -7.04
C SER B 271 -18.77 3.87 -6.93
N THR B 272 -19.66 2.90 -6.68
CA THR B 272 -21.09 3.21 -6.62
C THR B 272 -21.48 4.09 -5.42
N HIS B 273 -20.55 4.27 -4.49
CA HIS B 273 -20.84 5.00 -3.28
C HIS B 273 -20.23 6.40 -3.30
N HIS B 274 -19.66 6.80 -4.43
CA HIS B 274 -19.01 8.12 -4.60
C HIS B 274 -19.78 9.23 -3.92
N ASN B 275 -21.12 9.13 -3.93
CA ASN B 275 -22.01 10.06 -3.20
C ASN B 275 -21.80 10.20 -1.69
N VAL B 276 -21.28 9.15 -1.07
CA VAL B 276 -20.99 9.13 0.35
C VAL B 276 -20.01 10.28 0.74
N ARG B 277 -20.35 11.11 1.71
CA ARG B 277 -19.42 12.17 2.15
C ARG B 277 -18.25 11.66 2.99
N LEU B 278 -17.18 12.42 3.03
CA LEU B 278 -16.01 12.00 3.77
C LEU B 278 -15.59 13.05 4.77
N LEU B 279 -15.45 12.66 6.02
CA LEU B 279 -15.12 13.62 7.10
C LEU B 279 -13.72 13.35 7.64
N MET B 280 -12.89 14.37 7.72
CA MET B 280 -11.54 14.15 8.20
C MET B 280 -11.45 14.33 9.71
N LEU B 281 -10.26 14.03 10.26
CA LEU B 281 -9.97 14.10 11.68
C LEU B 281 -11.04 13.69 12.63
N ASP B 282 -11.36 12.47 12.77
CA ASP B 282 -12.37 12.15 13.73
C ASP B 282 -11.79 12.16 15.11
N ASP B 283 -11.27 13.32 15.51
CA ASP B 283 -10.55 13.42 16.80
C ASP B 283 -10.92 14.64 17.63
N GLN B 284 -10.12 14.91 18.66
CA GLN B 284 -10.38 15.98 19.62
C GLN B 284 -10.15 17.41 19.08
N ARG B 285 -10.75 18.41 19.73
CA ARG B 285 -10.75 19.79 19.23
C ARG B 285 -9.37 20.44 19.13
N LEU B 286 -8.48 20.15 20.08
CA LEU B 286 -7.19 20.81 20.11
C LEU B 286 -6.32 20.50 18.90
N LEU B 287 -6.62 19.42 18.21
CA LEU B 287 -5.93 19.17 16.94
C LEU B 287 -6.25 20.21 15.85
N LEU B 288 -7.27 21.05 16.10
CA LEU B 288 -7.58 22.13 15.17
C LEU B 288 -7.03 23.41 15.74
N PRO B 289 -6.66 24.36 14.86
CA PRO B 289 -6.80 24.28 13.40
C PRO B 289 -5.69 23.53 12.67
N HIS B 290 -4.67 23.10 13.42
CA HIS B 290 -3.50 22.49 12.80
C HIS B 290 -3.89 21.44 11.71
N TRP B 291 -4.44 20.31 12.12
CA TRP B 291 -4.87 19.29 11.20
C TRP B 291 -5.62 19.85 10.00
N ALA B 292 -6.43 20.88 10.24
CA ALA B 292 -7.26 21.46 9.20
C ALA B 292 -6.39 22.11 8.12
N LYS B 293 -5.37 22.81 8.59
CA LYS B 293 -4.43 23.48 7.71
C LYS B 293 -3.68 22.48 6.85
N VAL B 294 -3.28 21.37 7.46
CA VAL B 294 -2.41 20.40 6.81
C VAL B 294 -3.14 19.65 5.67
N VAL B 295 -4.39 19.32 5.89
CA VAL B 295 -5.14 18.55 4.94
C VAL B 295 -5.73 19.48 3.90
N LEU B 296 -6.28 20.59 4.35
CA LEU B 296 -7.13 21.37 3.50
C LEU B 296 -6.36 22.33 2.57
N THR B 297 -5.08 22.56 2.85
CA THR B 297 -4.24 23.35 1.94
C THR B 297 -3.66 22.50 0.78
N ASP B 298 -3.74 21.17 0.86
CA ASP B 298 -3.49 20.33 -0.30
C ASP B 298 -4.81 20.11 -1.09
N PRO B 299 -4.92 20.73 -2.28
CA PRO B 299 -6.14 20.58 -3.11
C PRO B 299 -6.44 19.15 -3.58
N GLU B 300 -5.43 18.30 -3.72
CA GLU B 300 -5.71 16.90 -4.08
C GLU B 300 -6.27 16.10 -2.91
N ALA B 301 -6.06 16.59 -1.69
CA ALA B 301 -6.80 16.11 -0.52
C ALA B 301 -8.14 16.85 -0.37
N ALA B 302 -8.10 18.18 -0.44
CA ALA B 302 -9.31 18.99 -0.19
C ALA B 302 -10.51 18.62 -1.03
N LYS B 303 -10.31 18.31 -2.32
CA LYS B 303 -11.43 18.02 -3.24
C LYS B 303 -12.30 16.85 -2.81
N TYR B 304 -11.75 16.05 -1.88
CA TYR B 304 -12.39 14.85 -1.34
C TYR B 304 -13.04 15.04 0.03
N VAL B 305 -12.45 15.91 0.85
CA VAL B 305 -12.98 16.19 2.19
C VAL B 305 -14.22 17.11 2.23
N HIS B 306 -15.34 16.53 2.65
CA HIS B 306 -16.57 17.28 2.74
C HIS B 306 -16.82 17.96 4.10
N GLY B 307 -15.99 17.66 5.09
CA GLY B 307 -16.13 18.27 6.40
C GLY B 307 -15.20 17.69 7.45
N ILE B 308 -15.20 18.34 8.60
CA ILE B 308 -14.24 18.05 9.67
C ILE B 308 -14.98 17.55 10.92
N ALA B 309 -14.65 16.34 11.40
CA ALA B 309 -15.39 15.72 12.50
C ALA B 309 -14.64 15.82 13.83
N VAL B 310 -15.31 16.22 14.90
CA VAL B 310 -14.65 16.48 16.19
C VAL B 310 -15.24 15.71 17.37
N HIS B 311 -14.39 15.37 18.33
CA HIS B 311 -14.80 14.67 19.54
C HIS B 311 -14.78 15.64 20.70
N TRP B 312 -15.80 15.54 21.55
CA TRP B 312 -16.05 16.46 22.68
C TRP B 312 -15.97 15.73 24.00
N TYR B 313 -14.82 15.81 24.65
CA TYR B 313 -14.75 15.30 26.02
C TYR B 313 -15.16 16.41 26.97
N LEU B 314 -16.26 16.17 27.70
CA LEU B 314 -16.99 17.21 28.45
C LEU B 314 -16.37 17.51 29.82
N ASP B 315 -15.60 16.53 30.28
CA ASP B 315 -14.88 16.59 31.53
C ASP B 315 -13.65 17.43 31.28
N PHE B 316 -13.46 17.76 30.00
CA PHE B 316 -12.22 18.38 29.52
C PHE B 316 -12.41 19.74 28.87
N LEU B 317 -11.43 20.60 29.09
CA LEU B 317 -11.45 21.92 28.53
C LEU B 317 -11.01 21.99 27.06
N ALA B 318 -11.61 22.91 26.30
CA ALA B 318 -11.03 23.41 25.06
C ALA B 318 -11.61 24.81 24.74
N PRO B 319 -10.79 25.70 24.17
CA PRO B 319 -11.32 27.03 23.81
C PRO B 319 -11.90 27.04 22.40
N ALA B 320 -13.20 27.28 22.34
CA ALA B 320 -13.99 27.16 21.14
C ALA B 320 -13.48 28.02 20.00
N LYS B 321 -13.13 29.26 20.33
CA LYS B 321 -12.70 30.20 19.33
C LYS B 321 -11.42 29.75 18.64
N ALA B 322 -10.38 29.50 19.42
CA ALA B 322 -9.06 29.17 18.89
C ALA B 322 -9.04 27.83 18.16
N THR B 323 -10.05 26.99 18.43
CA THR B 323 -10.22 25.68 17.78
C THR B 323 -11.19 25.75 16.60
N LEU B 324 -12.47 25.70 16.88
CA LEU B 324 -13.50 25.66 15.85
C LEU B 324 -13.66 26.96 15.07
N GLY B 325 -13.59 28.07 15.78
CA GLY B 325 -13.91 29.38 15.21
C GLY B 325 -12.88 29.68 14.16
N GLU B 326 -11.63 29.62 14.59
CA GLU B 326 -10.50 29.87 13.73
C GLU B 326 -10.56 28.99 12.44
N THR B 327 -10.98 27.74 12.62
CA THR B 327 -11.06 26.76 11.53
C THR B 327 -12.15 27.14 10.55
N HIS B 328 -13.25 27.65 11.09
CA HIS B 328 -14.33 28.07 10.26
C HIS B 328 -13.81 29.22 9.42
N ARG B 329 -13.11 30.12 10.08
CA ARG B 329 -12.51 31.27 9.43
C ARG B 329 -11.62 30.90 8.24
N LEU B 330 -10.72 29.93 8.45
CA LEU B 330 -9.87 29.42 7.38
C LEU B 330 -10.66 28.65 6.30
N PHE B 331 -11.65 27.85 6.72
CA PHE B 331 -12.38 27.04 5.74
C PHE B 331 -13.86 27.12 5.98
N PRO B 332 -14.45 28.26 5.62
CA PRO B 332 -15.86 28.48 5.91
C PRO B 332 -16.77 27.45 5.24
N ASN B 333 -16.24 26.73 4.25
CA ASN B 333 -17.06 25.89 3.39
C ASN B 333 -16.86 24.43 3.64
N THR B 334 -16.04 24.16 4.63
CA THR B 334 -15.88 22.85 5.17
C THR B 334 -16.62 22.79 6.49
N MET B 335 -17.68 22.03 6.53
CA MET B 335 -18.53 22.00 7.71
C MET B 335 -17.90 21.33 8.94
N LEU B 336 -17.99 22.00 10.08
CA LEU B 336 -17.68 21.39 11.37
C LEU B 336 -18.80 20.44 11.82
N PHE B 337 -18.44 19.28 12.37
CA PHE B 337 -19.46 18.31 12.81
C PHE B 337 -18.99 17.54 14.04
N ALA B 338 -19.89 17.29 14.96
CA ALA B 338 -19.41 16.62 16.11
C ALA B 338 -19.78 15.12 16.11
N SER B 339 -18.76 14.28 16.00
CA SER B 339 -18.97 12.88 15.69
C SER B 339 -19.07 12.01 16.92
N GLU B 340 -18.78 12.62 18.07
CA GLU B 340 -18.74 11.89 19.32
C GLU B 340 -18.65 12.79 20.53
N ALA B 341 -19.29 12.39 21.62
CA ALA B 341 -18.94 12.93 22.94
C ALA B 341 -19.32 12.00 24.11
N CYS B 342 -18.59 12.11 25.21
CA CYS B 342 -18.86 11.28 26.39
C CYS B 342 -18.52 12.03 27.70
N VAL B 343 -19.09 11.57 28.81
CA VAL B 343 -18.59 11.97 30.15
C VAL B 343 -18.19 10.79 31.02
N GLY B 344 -17.13 11.00 31.82
CA GLY B 344 -16.67 9.97 32.74
C GLY B 344 -15.42 9.27 32.27
N SER B 345 -14.75 9.87 31.28
CA SER B 345 -13.46 9.37 30.81
C SER B 345 -12.41 9.66 31.88
N LYS B 346 -12.37 10.92 32.33
CA LYS B 346 -11.35 11.38 33.29
C LYS B 346 -11.15 10.46 34.47
N PHE B 347 -9.87 10.16 34.69
CA PHE B 347 -9.39 9.17 35.65
C PHE B 347 -10.09 9.11 37.02
N TRP B 348 -10.40 10.28 37.60
CA TRP B 348 -10.90 10.36 38.99
C TRP B 348 -12.42 10.26 39.16
N GLU B 349 -13.17 10.30 38.05
CA GLU B 349 -14.64 10.28 38.17
C GLU B 349 -15.29 8.99 37.76
N GLN B 350 -16.42 8.74 38.42
CA GLN B 350 -17.25 7.56 38.20
C GLN B 350 -17.80 7.54 36.79
N SER B 351 -18.04 6.35 36.29
CA SER B 351 -18.45 6.22 34.92
C SER B 351 -19.95 6.54 34.81
N VAL B 352 -20.73 5.99 35.75
CA VAL B 352 -22.17 6.23 35.75
C VAL B 352 -22.69 6.82 37.07
N ARG B 353 -23.17 8.05 36.97
CA ARG B 353 -23.92 8.69 38.03
C ARG B 353 -25.38 8.70 37.57
N LEU B 354 -26.14 7.69 37.98
CA LEU B 354 -27.56 7.61 37.62
C LEU B 354 -28.33 8.77 38.19
N GLY B 355 -28.99 9.53 37.32
CA GLY B 355 -29.67 10.75 37.71
C GLY B 355 -28.79 11.98 37.91
N SER B 356 -27.55 11.98 37.43
CA SER B 356 -26.73 13.16 37.58
C SER B 356 -27.29 14.28 36.75
N TRP B 357 -27.84 15.30 37.39
CA TRP B 357 -28.21 16.50 36.65
C TRP B 357 -26.93 17.16 36.12
N ASP B 358 -25.92 17.24 37.00
CA ASP B 358 -24.70 17.98 36.69
C ASP B 358 -24.15 17.61 35.34
N ARG B 359 -24.45 16.37 34.95
CA ARG B 359 -23.95 15.78 33.71
C ARG B 359 -24.72 16.23 32.48
N GLY B 360 -26.05 16.29 32.61
CA GLY B 360 -26.91 16.81 31.57
C GLY B 360 -26.51 18.24 31.24
N MET B 361 -26.37 19.07 32.27
CA MET B 361 -25.93 20.46 32.06
C MET B 361 -24.63 20.47 31.30
N GLN B 362 -23.67 19.64 31.71
CA GLN B 362 -22.43 19.61 30.95
C GLN B 362 -22.66 19.29 29.46
N TYR B 363 -23.71 18.53 29.17
CA TYR B 363 -24.10 18.24 27.79
C TYR B 363 -24.60 19.42 26.98
N SER B 364 -25.70 20.02 27.44
CA SER B 364 -26.34 21.14 26.75
C SER B 364 -25.49 22.40 26.72
N HIS B 365 -24.72 22.62 27.77
CA HIS B 365 -23.79 23.73 27.77
C HIS B 365 -22.88 23.62 26.57
N SER B 366 -22.44 22.42 26.31
CA SER B 366 -21.45 22.30 25.28
C SER B 366 -22.06 22.05 23.88
N ILE B 367 -23.25 21.44 23.80
CA ILE B 367 -24.02 21.44 22.55
C ILE B 367 -24.42 22.85 22.11
N ILE B 368 -24.62 23.76 23.06
CA ILE B 368 -24.92 25.14 22.70
C ILE B 368 -23.64 25.81 22.22
N THR B 369 -22.51 25.50 22.86
CA THR B 369 -21.20 25.95 22.39
C THR B 369 -20.92 25.51 20.94
N SER B 370 -21.11 24.26 20.66
CA SER B 370 -21.07 23.74 19.34
C SER B 370 -21.82 24.57 18.34
N LEU B 371 -23.05 24.88 18.61
CA LEU B 371 -23.85 25.63 17.66
C LEU B 371 -23.38 27.06 17.49
N LEU B 372 -22.88 27.64 18.57
CA LEU B 372 -22.39 29.01 18.51
C LEU B 372 -21.10 29.12 17.64
N TYR B 373 -20.41 27.99 17.51
CA TYR B 373 -19.21 27.93 16.76
C TYR B 373 -19.28 27.04 15.51
N HIS B 374 -20.39 27.15 14.78
CA HIS B 374 -20.50 26.62 13.40
C HIS B 374 -20.55 25.08 13.25
N VAL B 375 -20.85 24.37 14.34
CA VAL B 375 -20.96 22.92 14.29
C VAL B 375 -22.35 22.58 13.72
N VAL B 376 -22.40 21.71 12.73
CA VAL B 376 -23.65 21.50 11.99
C VAL B 376 -24.53 20.36 12.56
N GLY B 377 -24.04 19.67 13.56
CA GLY B 377 -24.81 18.58 14.13
C GLY B 377 -24.02 17.76 15.12
N TRP B 378 -24.67 16.87 15.83
CA TRP B 378 -24.07 16.27 16.99
C TRP B 378 -24.38 14.83 17.16
N THR B 379 -23.40 14.05 17.53
CA THR B 379 -23.58 12.60 17.60
C THR B 379 -23.03 12.07 18.91
N ASP B 380 -23.93 11.62 19.78
CA ASP B 380 -23.59 11.07 21.08
C ASP B 380 -22.86 9.75 20.90
N TRP B 381 -22.22 9.26 21.97
CA TRP B 381 -21.44 8.03 21.92
C TRP B 381 -22.36 6.79 22.00
N ASN B 382 -22.24 5.91 23.01
CA ASN B 382 -23.09 4.71 23.04
C ASN B 382 -24.55 5.02 23.37
N LEU B 383 -25.42 4.53 22.48
CA LEU B 383 -26.86 4.71 22.64
C LEU B 383 -27.32 4.17 24.00
N ALA B 384 -26.82 3.01 24.39
CA ALA B 384 -27.21 2.38 25.63
C ALA B 384 -26.00 1.71 26.29
N LEU B 385 -25.85 1.92 27.60
CA LEU B 385 -24.84 1.14 28.32
C LEU B 385 -25.44 0.32 29.46
N ASN B 386 -24.62 -0.48 30.14
CA ASN B 386 -25.06 -1.07 31.42
C ASN B 386 -24.60 -0.28 32.66
N PRO B 387 -25.10 -0.66 33.85
CA PRO B 387 -24.81 0.25 34.96
C PRO B 387 -23.31 0.36 35.28
N GLU B 388 -22.49 -0.54 34.74
CA GLU B 388 -21.05 -0.40 34.87
C GLU B 388 -20.50 0.65 33.88
N GLY B 389 -21.25 0.98 32.83
CA GLY B 389 -20.75 1.83 31.73
C GLY B 389 -20.14 1.00 30.59
N GLY B 390 -20.57 -0.24 30.53
CA GLY B 390 -20.06 -1.17 29.54
C GLY B 390 -21.17 -1.92 28.82
N PRO B 391 -20.84 -3.09 28.28
CA PRO B 391 -19.52 -3.76 28.41
C PRO B 391 -18.44 -3.07 27.57
N ASN B 392 -17.16 -3.22 27.93
CA ASN B 392 -16.04 -2.60 27.20
C ASN B 392 -14.78 -3.42 27.53
N TRP B 393 -14.03 -3.85 26.53
CA TRP B 393 -13.18 -5.02 26.72
C TRP B 393 -11.87 -4.64 27.30
N VAL B 394 -11.57 -3.34 27.30
CA VAL B 394 -10.41 -2.80 28.07
C VAL B 394 -10.83 -2.09 29.38
N ARG B 395 -12.06 -2.38 29.80
CA ARG B 395 -12.73 -1.69 30.89
C ARG B 395 -12.67 -0.14 30.77
N ASN B 396 -12.93 0.36 29.55
CA ASN B 396 -12.87 1.81 29.35
C ASN B 396 -14.21 2.52 29.55
N PHE B 397 -14.89 2.13 30.64
CA PHE B 397 -16.26 2.54 30.93
C PHE B 397 -16.53 4.04 31.04
N VAL B 398 -17.77 4.40 30.71
CA VAL B 398 -18.25 5.80 30.68
C VAL B 398 -19.79 5.80 30.70
N ASP B 399 -20.38 6.98 30.91
CA ASP B 399 -21.84 7.12 31.03
C ASP B 399 -22.56 7.06 29.67
N SER B 400 -23.88 6.95 29.69
CA SER B 400 -24.73 6.91 28.50
C SER B 400 -26.12 7.43 28.85
N PRO B 401 -26.76 8.18 27.92
CA PRO B 401 -28.09 8.70 28.12
C PRO B 401 -29.05 7.60 28.56
N ILE B 402 -28.86 6.39 28.05
CA ILE B 402 -29.70 5.31 28.52
C ILE B 402 -28.88 4.19 29.14
N ILE B 403 -29.23 3.84 30.37
CA ILE B 403 -28.57 2.76 31.09
C ILE B 403 -29.56 1.61 31.23
N VAL B 404 -29.12 0.38 30.92
CA VAL B 404 -30.00 -0.79 30.83
C VAL B 404 -29.65 -1.76 31.97
N ASP B 405 -30.64 -2.16 32.78
CA ASP B 405 -30.45 -3.19 33.84
C ASP B 405 -31.23 -4.42 33.48
N ILE B 406 -30.51 -5.43 33.00
CA ILE B 406 -31.11 -6.56 32.34
C ILE B 406 -31.67 -7.51 33.39
N THR B 407 -31.07 -7.50 34.58
CA THR B 407 -31.55 -8.42 35.63
C THR B 407 -32.98 -8.08 36.03
N LYS B 408 -33.40 -6.87 35.68
CA LYS B 408 -34.71 -6.33 36.06
C LYS B 408 -35.54 -6.00 34.84
N ASP B 409 -35.00 -6.29 33.66
CA ASP B 409 -35.65 -5.87 32.41
C ASP B 409 -36.16 -4.44 32.48
N THR B 410 -35.26 -3.47 32.55
CA THR B 410 -35.64 -2.10 32.89
C THR B 410 -34.54 -1.26 32.27
N PHE B 411 -34.89 -0.14 31.64
CA PHE B 411 -33.87 0.88 31.29
C PHE B 411 -34.14 2.29 31.83
N TYR B 412 -33.07 3.05 32.04
CA TYR B 412 -33.13 4.29 32.77
C TYR B 412 -32.70 5.46 31.90
N LYS B 413 -33.64 6.39 31.70
CA LYS B 413 -33.35 7.61 30.97
C LYS B 413 -32.84 8.67 31.91
N GLN B 414 -31.65 9.17 31.59
CA GLN B 414 -30.91 10.17 32.36
C GLN B 414 -31.19 11.63 31.89
N PRO B 415 -30.96 12.60 32.80
CA PRO B 415 -30.86 13.99 32.45
C PRO B 415 -30.19 14.22 31.09
N MET B 416 -29.11 13.50 30.79
CA MET B 416 -28.46 13.65 29.48
C MET B 416 -29.45 13.41 28.32
N PHE B 417 -30.33 12.44 28.50
CA PHE B 417 -31.21 12.04 27.43
C PHE B 417 -32.12 13.19 27.05
N TYR B 418 -32.69 13.83 28.07
CA TYR B 418 -33.62 14.94 27.92
C TYR B 418 -32.81 16.17 27.53
N HIS B 419 -31.64 16.34 28.14
CA HIS B 419 -30.79 17.44 27.80
C HIS B 419 -30.48 17.47 26.32
N LEU B 420 -30.24 16.30 25.73
CA LEU B 420 -30.06 16.15 24.28
C LEU B 420 -31.40 16.38 23.55
N GLY B 421 -32.42 15.68 24.01
CA GLY B 421 -33.78 15.89 23.51
C GLY B 421 -34.22 17.31 23.31
N HIS B 422 -33.87 18.21 24.24
CA HIS B 422 -34.20 19.65 24.07
C HIS B 422 -33.68 20.22 22.74
N PHE B 423 -32.71 19.56 22.12
CA PHE B 423 -32.20 20.04 20.88
C PHE B 423 -32.74 19.14 19.82
N SER B 424 -32.36 17.87 19.88
CA SER B 424 -32.66 16.91 18.84
C SER B 424 -34.12 16.86 18.42
N LYS B 425 -35.03 17.02 19.37
CA LYS B 425 -36.45 16.94 19.06
C LYS B 425 -36.94 18.19 18.35
N PHE B 426 -36.23 19.31 18.48
CA PHE B 426 -36.80 20.58 18.06
C PHE B 426 -35.97 21.33 17.02
N ILE B 427 -35.03 20.62 16.41
CA ILE B 427 -34.11 21.22 15.46
C ILE B 427 -33.99 20.27 14.28
N PRO B 428 -34.99 20.33 13.38
CA PRO B 428 -35.00 19.38 12.27
C PRO B 428 -33.81 19.63 11.38
N GLU B 429 -33.43 18.63 10.60
CA GLU B 429 -32.39 18.83 9.64
C GLU B 429 -32.79 19.97 8.71
N GLY B 430 -31.86 20.91 8.54
CA GLY B 430 -32.01 22.02 7.63
C GLY B 430 -32.19 23.32 8.38
N SER B 431 -32.25 23.25 9.71
CA SER B 431 -32.43 24.46 10.51
C SER B 431 -31.18 25.30 10.40
N GLN B 432 -31.32 26.59 10.66
CA GLN B 432 -30.22 27.51 10.48
C GLN B 432 -30.09 28.33 11.72
N ARG B 433 -28.93 28.23 12.36
CA ARG B 433 -28.69 29.03 13.53
C ARG B 433 -28.71 30.50 13.16
N VAL B 434 -29.39 31.31 13.98
CA VAL B 434 -29.39 32.74 13.78
C VAL B 434 -28.93 33.48 15.01
N GLY B 435 -28.78 34.78 14.87
CA GLY B 435 -28.24 35.60 15.95
C GLY B 435 -29.19 35.72 17.12
N LEU B 436 -28.64 36.00 18.29
CA LEU B 436 -29.41 36.26 19.47
C LEU B 436 -28.49 37.01 20.38
N VAL B 437 -28.67 38.33 20.44
CA VAL B 437 -27.90 39.17 21.39
C VAL B 437 -28.67 39.36 22.70
N ALA B 438 -27.93 39.36 23.81
CA ALA B 438 -28.47 39.66 25.15
C ALA B 438 -28.40 41.16 25.42
N SER B 439 -29.21 41.69 26.33
CA SER B 439 -29.11 43.12 26.61
C SER B 439 -28.06 43.45 27.69
N GLN B 440 -27.37 42.44 28.20
CA GLN B 440 -26.47 42.63 29.35
C GLN B 440 -25.85 41.32 29.75
N LYS B 441 -24.67 41.37 30.37
CA LYS B 441 -24.02 40.20 31.01
C LYS B 441 -25.02 39.43 31.91
N ASN B 442 -24.84 38.12 32.00
CA ASN B 442 -25.82 37.21 32.58
C ASN B 442 -25.44 35.73 32.47
N ASP B 443 -25.96 34.95 33.39
CA ASP B 443 -25.52 33.59 33.56
C ASP B 443 -26.11 32.55 32.61
N LEU B 444 -26.89 32.97 31.63
CA LEU B 444 -27.58 31.98 30.78
C LEU B 444 -26.79 31.57 29.55
N ASP B 445 -27.02 30.35 29.11
CA ASP B 445 -26.58 29.88 27.80
C ASP B 445 -27.80 29.73 26.91
N ALA B 446 -27.83 30.43 25.78
CA ALA B 446 -28.94 30.36 24.82
C ALA B 446 -28.52 30.18 23.32
N VAL B 447 -29.45 29.73 22.49
CA VAL B 447 -29.21 29.61 21.05
C VAL B 447 -30.50 29.63 20.24
N ALA B 448 -30.45 30.29 19.09
CA ALA B 448 -31.62 30.47 18.27
C ALA B 448 -31.40 29.97 16.86
N LEU B 449 -32.42 29.30 16.34
CA LEU B 449 -32.34 28.79 15.01
C LEU B 449 -33.69 28.93 14.44
N MET B 450 -33.77 28.99 13.12
CA MET B 450 -35.04 29.00 12.40
C MET B 450 -35.22 27.69 11.68
N HIS B 451 -36.42 27.12 11.72
CA HIS B 451 -36.69 25.89 10.97
C HIS B 451 -36.76 26.13 9.47
N PRO B 452 -36.79 25.05 8.66
CA PRO B 452 -37.09 25.19 7.24
C PRO B 452 -38.46 25.81 6.93
N ASP B 453 -39.48 25.57 7.74
CA ASP B 453 -40.75 26.22 7.48
C ASP B 453 -40.75 27.72 7.84
N GLY B 454 -39.71 28.18 8.53
CA GLY B 454 -39.58 29.61 8.83
C GLY B 454 -39.82 30.03 10.27
N SER B 455 -40.25 29.10 11.11
CA SER B 455 -40.56 29.41 12.51
C SER B 455 -39.37 29.24 13.43
N ALA B 456 -39.56 29.70 14.67
CA ALA B 456 -38.46 29.88 15.62
C ALA B 456 -38.31 28.78 16.66
N VAL B 457 -37.04 28.51 16.99
CA VAL B 457 -36.71 27.67 18.12
C VAL B 457 -35.56 28.28 18.91
N VAL B 458 -35.73 28.40 20.22
CA VAL B 458 -34.65 28.92 21.05
C VAL B 458 -34.49 28.05 22.26
N VAL B 459 -33.26 27.62 22.49
CA VAL B 459 -32.92 26.82 23.67
C VAL B 459 -32.24 27.71 24.68
N VAL B 460 -32.75 27.62 25.91
CA VAL B 460 -32.28 28.41 27.04
C VAL B 460 -31.90 27.51 28.21
N LEU B 461 -30.65 27.61 28.66
CA LEU B 461 -30.14 26.78 29.77
C LEU B 461 -29.67 27.59 30.97
N ASN B 462 -29.99 27.09 32.15
CA ASN B 462 -29.60 27.78 33.35
C ASN B 462 -28.74 26.90 34.23
N ARG B 463 -27.47 27.27 34.31
CA ARG B 463 -26.53 26.54 35.11
C ARG B 463 -26.28 27.24 36.45
N SER B 464 -27.02 28.34 36.72
CA SER B 464 -26.98 29.02 38.01
C SER B 464 -28.08 28.44 38.88
N SER B 465 -28.01 28.70 40.19
CA SER B 465 -29.01 28.21 41.15
C SER B 465 -30.24 29.11 41.24
N LYS B 466 -30.15 30.29 40.63
CA LYS B 466 -31.16 31.33 40.82
C LYS B 466 -32.02 31.53 39.56
N ASP B 467 -33.32 31.66 39.77
CA ASP B 467 -34.28 31.95 38.71
C ASP B 467 -33.91 33.24 38.01
N VAL B 468 -33.82 33.17 36.68
CA VAL B 468 -33.60 34.38 35.90
C VAL B 468 -34.91 34.74 35.18
N PRO B 469 -35.48 35.91 35.50
CA PRO B 469 -36.58 36.43 34.67
C PRO B 469 -36.00 37.00 33.37
N LEU B 470 -36.70 36.80 32.25
CA LEU B 470 -36.25 37.25 30.92
C LEU B 470 -37.31 37.33 29.84
N THR B 471 -36.98 38.05 28.77
CA THR B 471 -37.86 38.29 27.64
C THR B 471 -37.10 38.05 26.35
N ILE B 472 -37.77 37.45 25.39
CA ILE B 472 -37.17 37.25 24.07
C ILE B 472 -37.96 38.08 23.12
N LYS B 473 -37.28 38.99 22.44
CA LYS B 473 -37.93 39.80 21.42
C LYS B 473 -37.69 39.15 20.07
N ASP B 474 -38.75 39.05 19.27
CA ASP B 474 -38.66 38.74 17.84
C ASP B 474 -39.49 39.79 17.10
N PRO B 475 -38.84 40.61 16.25
CA PRO B 475 -39.56 41.79 15.77
C PRO B 475 -40.79 41.45 14.94
N ALA B 476 -40.86 40.25 14.40
CA ALA B 476 -42.00 39.92 13.57
C ALA B 476 -43.26 39.80 14.42
N VAL B 477 -43.11 39.40 15.68
CA VAL B 477 -44.27 38.96 16.45
C VAL B 477 -44.43 39.60 17.81
N GLY B 478 -43.31 39.90 18.46
CA GLY B 478 -43.38 40.61 19.72
C GLY B 478 -42.47 40.06 20.75
N PHE B 479 -43.01 39.83 21.93
CA PHE B 479 -42.23 39.53 23.12
C PHE B 479 -42.72 38.30 23.85
N LEU B 480 -41.76 37.47 24.23
CA LEU B 480 -41.99 36.40 25.17
C LEU B 480 -41.50 36.79 26.53
N GLU B 481 -42.45 36.98 27.46
CA GLU B 481 -42.11 37.11 28.88
C GLU B 481 -42.04 35.75 29.57
N THR B 482 -40.91 35.40 30.17
CA THR B 482 -40.77 34.09 30.82
C THR B 482 -39.75 34.09 31.98
N ILE B 483 -39.56 32.94 32.63
CA ILE B 483 -38.51 32.75 33.62
C ILE B 483 -37.71 31.47 33.31
N SER B 484 -36.38 31.57 33.42
CA SER B 484 -35.51 30.40 33.43
C SER B 484 -35.27 30.06 34.90
N PRO B 485 -35.98 29.04 35.42
CA PRO B 485 -35.79 28.57 36.78
C PRO B 485 -34.35 28.13 36.94
N GLY B 486 -33.79 28.25 38.13
CA GLY B 486 -32.40 27.81 38.35
C GLY B 486 -32.23 26.33 38.10
N TYR B 487 -31.10 25.93 37.52
CA TYR B 487 -30.82 24.53 37.17
C TYR B 487 -31.96 24.00 36.30
N SER B 488 -32.13 24.60 35.12
CA SER B 488 -33.21 24.18 34.20
C SER B 488 -32.78 24.24 32.76
N ILE B 489 -33.59 23.65 31.89
CA ILE B 489 -33.40 23.81 30.45
C ILE B 489 -34.77 23.97 29.81
N HIS B 490 -34.93 25.02 29.03
CA HIS B 490 -36.20 25.30 28.38
C HIS B 490 -35.98 25.32 26.90
N THR B 491 -36.86 24.68 26.15
CA THR B 491 -36.92 24.91 24.69
C THR B 491 -38.19 25.66 24.30
N TYR B 492 -38.03 26.77 23.57
CA TYR B 492 -39.15 27.61 23.13
C TYR B 492 -39.39 27.52 21.63
N LEU B 493 -40.67 27.40 21.24
CA LEU B 493 -41.03 27.40 19.81
C LEU B 493 -42.21 28.30 19.53
N TRP B 494 -42.14 29.02 18.41
CA TRP B 494 -43.28 29.82 17.94
C TRP B 494 -43.29 30.09 16.43
N ARG B 495 -44.48 30.23 15.85
CA ARG B 495 -44.62 30.71 14.48
C ARG B 495 -44.25 32.21 14.34
N ARG B 496 -43.86 32.59 13.11
CA ARG B 496 -43.60 33.99 12.73
C ARG B 496 -44.58 34.50 11.64
N GLN B 497 -45.54 33.66 11.29
CA GLN B 497 -46.56 33.99 10.27
C GLN B 497 -47.59 32.86 10.08
#